data_2F2F
#
_entry.id   2F2F
#
_cell.length_a   115.65
_cell.length_b   117.46
_cell.length_c   123.37
_cell.angle_alpha   90
_cell.angle_beta   90
_cell.angle_gamma   90
#
_symmetry.space_group_name_H-M   'P 21 21 21'
#
loop_
_entity.id
_entity.type
_entity.pdbx_description
1 polymer 'Cytolethal distending toxin A'
2 polymer 'Cytolethal distending toxin B'
3 polymer 'cytolethal distending toxin C'
4 water water
#
loop_
_entity_poly.entity_id
_entity_poly.type
_entity_poly.pdbx_seq_one_letter_code
_entity_poly.pdbx_strand_id
1 'polypeptide(L)'
;MKKFLPGLLLMGLVACSSNQRMSDYSQPESQSDLAPKSSTTQFQPQPLLSKASSMPLNLLSSSKNGQVSPSEPSNFMTLM
GQNGALLTVWALAKRNWLWAYPNIYSQDFGNIRNWKIEPGKHREYFRFVNQSLGTCIEAYGNGLIHDTCSLDKLAQEFEL
LPTDSGAVVIKSVSQGRCVTYNPVSPTYYSTVTLSTCDGATEPLRDQTWYLAPPVLEATAVN
;
A,D
2 'polypeptide(L)'
;MQWVKQLNVVFCTMLFSFSSYANLSDFKVATWNLQGSSAVNESKWNINVRQLLSGEQGADILMVQEAGSLPSSAVRTSRV
IQHGGTPIEEYTWNLGTRSRPNMVYIYYSRLDVGANRVNLAIVSRRQADEAFIVHSDSSVLQSRPAVGIRIGTDVFFTVH
ALATGGSDAVSLIRNIFTTFTSSPSSPERRGYSWMVVGDFNRAPVNLEAALRQEPAVSENTIIIAPTEPTHRSGNILDYA
ILHDAHLPRREQARERIGASLMLNQLRSQITSDHFPVSFVHDR
;
B,E
3 'polypeptide(L)'
;MKKYLLSFLLSMILTLTSHAESNPDPTTYPDVELSPPPRISLRSLLTAQPIKNDHYDSHNYLSTHWELIDYKGKEYEKLR
DGGTLVQFKVVGAAKCFAFPGEGTTDCKDIDHTVFNLIPTNTGAFLIKDALLGFCMTSHDFDDLRLEPCGISVSGRTFSL
AYQWGILPPFGPSKILRPPVGRNQGS
;
C,F
#
# COMPACT_ATOMS: atom_id res chain seq x y z
N PRO A 70 0.61 -9.89 -45.02
CA PRO A 70 -0.81 -9.59 -44.71
C PRO A 70 -1.19 -9.96 -43.26
N SER A 71 -2.47 -9.77 -42.92
CA SER A 71 -2.95 -10.03 -41.56
C SER A 71 -3.89 -11.22 -41.44
N GLU A 72 -4.26 -11.81 -42.57
CA GLU A 72 -5.15 -12.94 -42.55
C GLU A 72 -4.38 -14.26 -42.49
N PRO A 73 -3.24 -14.35 -43.21
CA PRO A 73 -2.41 -15.57 -43.25
C PRO A 73 -2.10 -16.14 -41.87
N SER A 74 -1.75 -15.26 -40.94
CA SER A 74 -1.43 -15.66 -39.57
C SER A 74 -2.55 -16.45 -38.94
N ASN A 75 -3.74 -16.39 -39.53
CA ASN A 75 -4.87 -17.10 -38.97
C ASN A 75 -4.93 -18.55 -39.42
N PHE A 76 -4.06 -18.95 -40.34
CA PHE A 76 -4.09 -20.33 -40.81
C PHE A 76 -2.82 -21.11 -40.53
N MET A 77 -2.97 -22.42 -40.46
CA MET A 77 -1.88 -23.34 -40.18
C MET A 77 -2.14 -24.68 -40.84
N THR A 78 -1.20 -25.61 -40.67
CA THR A 78 -1.38 -26.94 -41.21
C THR A 78 -1.17 -27.91 -40.07
N LEU A 79 -1.86 -29.04 -40.09
CA LEU A 79 -1.68 -30.07 -39.09
C LEU A 79 -0.81 -31.10 -39.82
N MET A 80 0.48 -31.11 -39.49
CA MET A 80 1.48 -31.97 -40.12
C MET A 80 1.80 -33.23 -39.34
N GLY A 81 1.71 -34.38 -40.00
CA GLY A 81 2.00 -35.63 -39.34
C GLY A 81 3.51 -35.82 -39.28
N GLN A 82 3.96 -36.84 -38.55
CA GLN A 82 5.40 -37.06 -38.45
C GLN A 82 6.06 -37.34 -39.77
N ASN A 83 5.24 -37.62 -40.79
CA ASN A 83 5.74 -37.92 -42.13
C ASN A 83 5.69 -36.69 -43.03
N GLY A 84 5.30 -35.54 -42.47
CA GLY A 84 5.20 -34.32 -43.26
C GLY A 84 3.87 -34.21 -43.97
N ALA A 85 3.01 -35.21 -43.79
CA ALA A 85 1.69 -35.24 -44.41
C ALA A 85 0.70 -34.34 -43.69
N LEU A 86 0.15 -33.38 -44.44
CA LEU A 86 -0.83 -32.40 -43.96
C LEU A 86 -2.29 -32.85 -44.04
N LEU A 87 -3.03 -32.77 -42.93
CA LEU A 87 -4.43 -33.15 -42.94
C LEU A 87 -5.07 -32.20 -43.94
N THR A 88 -5.81 -32.75 -44.89
CA THR A 88 -6.38 -31.93 -45.93
C THR A 88 -7.69 -32.46 -46.45
N VAL A 89 -8.39 -31.61 -47.17
CA VAL A 89 -9.66 -31.95 -47.80
C VAL A 89 -9.20 -32.53 -49.14
N TRP A 90 -9.72 -33.68 -49.58
CA TRP A 90 -9.33 -34.12 -50.91
C TRP A 90 -10.48 -33.77 -51.86
N ALA A 91 -11.60 -34.45 -51.64
CA ALA A 91 -12.81 -34.21 -52.41
C ALA A 91 -13.48 -32.97 -51.81
N LEU A 92 -13.57 -31.92 -52.61
CA LEU A 92 -14.16 -30.64 -52.20
C LEU A 92 -15.61 -30.72 -51.74
N ALA A 93 -16.37 -31.66 -52.26
CA ALA A 93 -17.75 -31.78 -51.87
C ALA A 93 -17.84 -32.14 -50.39
N LYS A 94 -18.81 -31.52 -49.72
CA LYS A 94 -19.01 -31.73 -48.30
C LYS A 94 -19.32 -33.16 -47.94
N ARG A 95 -18.95 -33.53 -46.72
CA ARG A 95 -19.12 -34.85 -46.15
C ARG A 95 -18.25 -35.95 -46.76
N ASN A 96 -17.16 -35.55 -47.40
CA ASN A 96 -16.23 -36.52 -47.97
C ASN A 96 -15.06 -36.60 -46.98
N TRP A 97 -14.45 -37.78 -46.90
CA TRP A 97 -13.33 -38.05 -46.01
C TRP A 97 -12.15 -37.13 -46.22
N LEU A 98 -11.41 -36.91 -45.13
CA LEU A 98 -10.21 -36.09 -45.13
C LEU A 98 -9.04 -37.08 -45.24
N TRP A 99 -7.93 -36.64 -45.82
CA TRP A 99 -6.73 -37.48 -46.04
C TRP A 99 -5.53 -36.67 -45.59
N ALA A 100 -4.33 -37.21 -45.82
CA ALA A 100 -3.11 -36.51 -45.46
C ALA A 100 -2.11 -36.60 -46.61
N TYR A 101 -1.73 -35.45 -47.16
CA TYR A 101 -0.79 -35.35 -48.28
C TYR A 101 0.34 -34.35 -47.99
N PRO A 102 1.61 -34.75 -48.21
CA PRO A 102 2.66 -33.77 -47.95
C PRO A 102 2.55 -32.67 -48.99
N ASN A 103 3.02 -31.48 -48.66
CA ASN A 103 2.96 -30.39 -49.62
C ASN A 103 3.58 -30.73 -50.98
N ILE A 104 4.74 -31.40 -50.95
CA ILE A 104 5.49 -31.76 -52.15
C ILE A 104 4.65 -32.53 -53.18
N TYR A 105 3.66 -33.29 -52.70
CA TYR A 105 2.76 -34.06 -53.57
C TYR A 105 1.30 -33.56 -53.66
N SER A 106 1.04 -32.33 -53.19
CA SER A 106 -0.29 -31.75 -53.25
C SER A 106 -0.26 -30.29 -53.64
N GLN A 107 0.83 -29.85 -54.24
CA GLN A 107 0.94 -28.44 -54.58
C GLN A 107 -0.24 -27.81 -55.29
N ASP A 108 -0.95 -28.60 -56.06
CA ASP A 108 -2.11 -28.10 -56.79
C ASP A 108 -3.36 -28.04 -55.91
N PHE A 109 -3.29 -28.59 -54.70
CA PHE A 109 -4.41 -28.61 -53.75
C PHE A 109 -4.77 -27.21 -53.27
N GLY A 110 -3.77 -26.34 -53.17
CA GLY A 110 -4.06 -25.00 -52.70
C GLY A 110 -4.49 -24.96 -51.24
N ASN A 111 -5.15 -23.86 -50.88
CA ASN A 111 -5.55 -23.64 -49.50
C ASN A 111 -6.53 -24.56 -48.83
N ILE A 112 -6.97 -25.60 -49.51
CA ILE A 112 -7.87 -26.53 -48.88
C ILE A 112 -7.07 -27.34 -47.88
N ARG A 113 -5.77 -27.10 -47.87
CA ARG A 113 -4.87 -27.80 -46.96
C ARG A 113 -4.60 -26.98 -45.70
N ASN A 114 -5.02 -25.72 -45.71
CA ASN A 114 -4.83 -24.83 -44.56
C ASN A 114 -6.10 -24.74 -43.73
N TRP A 115 -5.93 -24.64 -42.41
CA TRP A 115 -7.04 -24.60 -41.46
C TRP A 115 -6.90 -23.48 -40.43
N LYS A 116 -8.04 -23.02 -39.92
CA LYS A 116 -8.07 -22.01 -38.90
C LYS A 116 -8.61 -22.69 -37.65
N ILE A 117 -7.87 -22.66 -36.55
CA ILE A 117 -8.33 -23.28 -35.30
C ILE A 117 -9.05 -22.22 -34.46
N GLU A 118 -10.31 -22.48 -34.14
CA GLU A 118 -11.13 -21.58 -33.36
C GLU A 118 -11.63 -22.28 -32.13
N PRO A 119 -12.13 -21.52 -31.16
CA PRO A 119 -12.63 -22.20 -29.95
C PRO A 119 -13.98 -22.86 -30.27
N GLY A 120 -14.20 -24.06 -29.73
CA GLY A 120 -15.45 -24.73 -29.99
C GLY A 120 -16.59 -24.03 -29.27
N LYS A 121 -17.72 -24.71 -29.17
CA LYS A 121 -18.87 -24.20 -28.47
C LYS A 121 -18.52 -24.26 -26.99
N HIS A 122 -17.79 -25.32 -26.61
CA HIS A 122 -17.37 -25.56 -25.24
C HIS A 122 -15.95 -25.04 -24.99
N ARG A 123 -15.72 -24.59 -23.76
CA ARG A 123 -14.46 -23.98 -23.33
C ARG A 123 -13.07 -24.43 -23.81
N GLU A 124 -12.66 -25.65 -23.47
CA GLU A 124 -11.33 -26.08 -23.89
C GLU A 124 -11.28 -26.84 -25.23
N TYR A 125 -12.40 -26.83 -25.97
CA TYR A 125 -12.48 -27.51 -27.27
C TYR A 125 -12.24 -26.57 -28.43
N PHE A 126 -11.88 -27.15 -29.56
CA PHE A 126 -11.61 -26.40 -30.76
C PHE A 126 -12.28 -27.05 -31.95
N ARG A 127 -12.35 -26.31 -33.04
CA ARG A 127 -12.92 -26.78 -34.29
C ARG A 127 -11.95 -26.30 -35.35
N PHE A 128 -11.94 -26.94 -36.52
CA PHE A 128 -11.03 -26.53 -37.59
C PHE A 128 -11.83 -26.09 -38.79
N VAL A 129 -11.56 -24.87 -39.23
CA VAL A 129 -12.25 -24.27 -40.34
C VAL A 129 -11.32 -24.18 -41.54
N ASN A 130 -11.76 -24.76 -42.65
CA ASN A 130 -10.96 -24.76 -43.86
C ASN A 130 -10.75 -23.37 -44.43
N GLN A 131 -9.51 -23.05 -44.76
CA GLN A 131 -9.23 -21.74 -45.29
C GLN A 131 -9.93 -21.48 -46.60
N SER A 132 -9.90 -22.46 -47.50
CA SER A 132 -10.50 -22.28 -48.80
C SER A 132 -12.00 -22.52 -48.90
N LEU A 133 -12.48 -23.58 -48.27
CA LEU A 133 -13.89 -23.93 -48.34
C LEU A 133 -14.81 -23.43 -47.24
N GLY A 134 -14.24 -23.06 -46.10
CA GLY A 134 -15.05 -22.57 -45.00
C GLY A 134 -15.77 -23.70 -44.29
N THR A 135 -15.43 -24.93 -44.61
CA THR A 135 -16.07 -26.07 -43.96
C THR A 135 -15.26 -26.46 -42.72
N CYS A 136 -15.85 -27.28 -41.85
CA CYS A 136 -15.22 -27.70 -40.61
C CYS A 136 -14.92 -29.19 -40.59
N ILE A 137 -13.87 -29.58 -39.88
CA ILE A 137 -13.54 -31.00 -39.74
C ILE A 137 -14.60 -31.57 -38.80
N GLU A 138 -15.04 -32.79 -39.05
CA GLU A 138 -16.04 -33.42 -38.23
C GLU A 138 -15.75 -34.90 -38.02
N ALA A 139 -15.85 -35.39 -36.79
CA ALA A 139 -15.61 -36.79 -36.55
C ALA A 139 -16.79 -37.54 -37.13
N TYR A 140 -16.53 -38.50 -38.00
CA TYR A 140 -17.61 -39.25 -38.60
C TYR A 140 -17.15 -40.67 -38.85
N GLY A 141 -17.82 -41.62 -38.20
CA GLY A 141 -17.43 -43.01 -38.36
C GLY A 141 -16.05 -43.28 -37.81
N ASN A 142 -15.21 -43.91 -38.62
CA ASN A 142 -13.85 -44.23 -38.23
C ASN A 142 -12.88 -43.26 -38.85
N GLY A 143 -13.38 -42.14 -39.35
CA GLY A 143 -12.48 -41.17 -39.95
C GLY A 143 -12.97 -39.76 -39.75
N LEU A 144 -12.49 -38.84 -40.57
CA LEU A 144 -12.89 -37.46 -40.47
C LEU A 144 -13.44 -37.03 -41.80
N ILE A 145 -14.45 -36.16 -41.79
CA ILE A 145 -15.00 -35.61 -43.03
C ILE A 145 -15.05 -34.13 -42.77
N HIS A 146 -15.48 -33.35 -43.75
CA HIS A 146 -15.61 -31.93 -43.55
C HIS A 146 -17.03 -31.60 -43.96
N ASP A 147 -17.72 -30.80 -43.14
CA ASP A 147 -19.10 -30.44 -43.40
C ASP A 147 -19.37 -29.01 -42.97
N THR A 148 -20.58 -28.53 -43.28
CA THR A 148 -21.00 -27.18 -42.91
C THR A 148 -20.73 -26.97 -41.43
N CYS A 149 -20.18 -25.81 -41.08
CA CYS A 149 -19.89 -25.50 -39.69
C CYS A 149 -21.15 -25.27 -38.86
N SER A 150 -21.19 -25.85 -37.68
CA SER A 150 -22.32 -25.68 -36.79
C SER A 150 -21.83 -25.87 -35.35
N LEU A 151 -21.87 -24.81 -34.55
CA LEU A 151 -21.41 -24.87 -33.17
C LEU A 151 -22.12 -25.88 -32.31
N ASP A 152 -23.30 -26.30 -32.73
CA ASP A 152 -24.07 -27.26 -31.96
C ASP A 152 -23.75 -28.71 -32.31
N LYS A 153 -22.93 -28.91 -33.33
CA LYS A 153 -22.51 -30.26 -33.71
C LYS A 153 -21.28 -30.60 -32.88
N LEU A 154 -21.46 -31.44 -31.86
CA LEU A 154 -20.36 -31.85 -31.01
C LEU A 154 -19.26 -32.56 -31.79
N ALA A 155 -19.66 -33.34 -32.79
CA ALA A 155 -18.71 -34.09 -33.58
C ALA A 155 -17.68 -33.19 -34.25
N GLN A 156 -17.91 -31.88 -34.22
CA GLN A 156 -17.01 -30.91 -34.83
C GLN A 156 -16.06 -30.24 -33.83
N GLU A 157 -16.07 -30.73 -32.60
CA GLU A 157 -15.22 -30.19 -31.55
C GLU A 157 -14.14 -31.19 -31.16
N PHE A 158 -12.90 -30.71 -31.09
CA PHE A 158 -11.77 -31.57 -30.75
C PHE A 158 -10.91 -31.02 -29.62
N GLU A 159 -10.18 -31.93 -28.98
CA GLU A 159 -9.27 -31.58 -27.91
C GLU A 159 -7.87 -31.68 -28.50
N LEU A 160 -7.02 -30.72 -28.16
CA LEU A 160 -5.65 -30.74 -28.64
C LEU A 160 -4.84 -31.07 -27.39
N LEU A 161 -4.52 -32.35 -27.24
CA LEU A 161 -3.79 -32.88 -26.08
C LEU A 161 -2.29 -32.71 -26.21
N PRO A 162 -1.65 -32.09 -25.21
CA PRO A 162 -0.21 -31.92 -25.36
C PRO A 162 0.53 -33.24 -25.10
N THR A 163 1.74 -33.37 -25.63
CA THR A 163 2.51 -34.58 -25.40
C THR A 163 3.86 -34.12 -24.85
N ASP A 164 4.64 -35.05 -24.31
CA ASP A 164 5.92 -34.68 -23.77
C ASP A 164 6.97 -34.25 -24.80
N SER A 165 6.67 -34.36 -26.09
CA SER A 165 7.64 -33.93 -27.11
C SER A 165 7.29 -32.55 -27.69
N GLY A 166 6.05 -32.11 -27.47
CA GLY A 166 5.61 -30.84 -28.00
C GLY A 166 4.57 -31.02 -29.12
N ALA A 167 4.44 -32.24 -29.60
CA ALA A 167 3.49 -32.59 -30.63
C ALA A 167 2.15 -32.70 -29.95
N VAL A 168 1.08 -32.82 -30.73
CA VAL A 168 -0.23 -32.95 -30.14
C VAL A 168 -0.93 -34.18 -30.67
N VAL A 169 -1.93 -34.61 -29.93
CA VAL A 169 -2.76 -35.73 -30.28
C VAL A 169 -4.13 -35.08 -30.43
N ILE A 170 -4.81 -35.31 -31.53
CA ILE A 170 -6.11 -34.69 -31.74
C ILE A 170 -7.19 -35.65 -31.32
N LYS A 171 -7.96 -35.26 -30.31
CA LYS A 171 -9.03 -36.11 -29.80
C LYS A 171 -10.44 -35.63 -30.16
N SER A 172 -11.29 -36.56 -30.56
CA SER A 172 -12.66 -36.21 -30.92
C SER A 172 -13.47 -36.19 -29.66
N VAL A 173 -14.09 -35.05 -29.39
CA VAL A 173 -14.92 -34.90 -28.19
C VAL A 173 -16.14 -35.83 -28.28
N SER A 174 -16.79 -35.85 -29.44
CA SER A 174 -17.97 -36.70 -29.62
C SER A 174 -17.66 -38.18 -29.51
N GLN A 175 -16.48 -38.58 -30.01
CA GLN A 175 -16.12 -39.99 -30.01
C GLN A 175 -15.16 -40.45 -28.93
N GLY A 176 -14.28 -39.56 -28.51
CA GLY A 176 -13.31 -39.94 -27.50
C GLY A 176 -12.21 -40.79 -28.12
N ARG A 177 -12.02 -40.65 -29.44
CA ARG A 177 -10.99 -41.37 -30.16
C ARG A 177 -10.09 -40.34 -30.79
N CYS A 178 -8.86 -40.73 -31.10
CA CYS A 178 -7.88 -39.81 -31.66
C CYS A 178 -7.59 -39.96 -33.14
N VAL A 179 -7.24 -38.85 -33.78
CA VAL A 179 -6.93 -38.84 -35.18
C VAL A 179 -5.64 -39.65 -35.41
N THR A 180 -5.79 -40.80 -36.05
CA THR A 180 -4.69 -41.73 -36.34
C THR A 180 -4.36 -41.67 -37.84
N TYR A 181 -3.12 -42.03 -38.17
CA TYR A 181 -2.68 -42.06 -39.55
C TYR A 181 -1.49 -42.99 -39.74
N ASN A 182 -1.18 -43.29 -41.01
CA ASN A 182 -0.06 -44.15 -41.32
C ASN A 182 1.08 -43.30 -41.85
N PRO A 183 2.14 -43.13 -41.03
CA PRO A 183 3.26 -42.32 -41.50
C PRO A 183 3.85 -42.93 -42.77
N VAL A 184 3.89 -44.27 -42.82
CA VAL A 184 4.43 -45.01 -43.97
C VAL A 184 3.36 -45.45 -44.96
N SER A 185 3.59 -45.15 -46.24
CA SER A 185 2.63 -45.50 -47.28
C SER A 185 3.24 -45.80 -48.66
N PRO A 186 2.71 -46.80 -49.39
CA PRO A 186 3.23 -47.14 -50.73
C PRO A 186 2.72 -46.10 -51.70
N THR A 187 1.94 -45.17 -51.16
CA THR A 187 1.38 -44.10 -51.95
C THR A 187 1.85 -42.78 -51.36
N TYR A 188 1.52 -41.67 -52.04
CA TYR A 188 1.91 -40.35 -51.60
C TYR A 188 1.02 -39.75 -50.50
N TYR A 189 0.06 -40.52 -49.99
CA TYR A 189 -0.84 -40.01 -48.97
C TYR A 189 -1.08 -40.97 -47.83
N SER A 190 -1.50 -40.42 -46.69
CA SER A 190 -1.80 -41.21 -45.51
C SER A 190 -3.32 -41.29 -45.37
N THR A 191 -3.81 -42.39 -44.85
CA THR A 191 -5.24 -42.56 -44.62
C THR A 191 -5.47 -42.02 -43.21
N VAL A 192 -6.56 -41.30 -43.00
CA VAL A 192 -6.82 -40.76 -41.68
C VAL A 192 -8.03 -41.48 -41.09
N THR A 193 -7.87 -41.97 -39.86
CA THR A 193 -8.93 -42.68 -39.16
C THR A 193 -9.04 -42.22 -37.70
N LEU A 194 -9.94 -42.82 -36.93
CA LEU A 194 -10.13 -42.48 -35.53
C LEU A 194 -9.97 -43.78 -34.78
N SER A 195 -9.28 -43.77 -33.65
CA SER A 195 -9.09 -44.98 -32.85
C SER A 195 -8.65 -44.69 -31.41
N THR A 196 -8.56 -45.74 -30.59
CA THR A 196 -8.16 -45.59 -29.18
C THR A 196 -6.95 -44.66 -29.05
N CYS A 197 -7.07 -43.69 -28.15
CA CYS A 197 -5.98 -42.75 -27.94
C CYS A 197 -4.87 -43.37 -27.09
N ASP A 198 -3.82 -43.84 -27.74
CA ASP A 198 -2.70 -44.43 -27.02
C ASP A 198 -1.38 -43.76 -27.38
N GLY A 199 -1.45 -42.63 -28.07
CA GLY A 199 -0.24 -41.92 -28.45
C GLY A 199 0.80 -42.78 -29.16
N ALA A 200 0.32 -43.74 -29.93
CA ALA A 200 1.19 -44.64 -30.68
C ALA A 200 1.97 -43.88 -31.73
N THR A 201 3.22 -44.27 -31.95
CA THR A 201 4.01 -43.67 -32.99
C THR A 201 4.70 -44.82 -33.73
N GLU A 202 3.95 -45.49 -34.61
CA GLU A 202 4.48 -46.63 -35.38
C GLU A 202 4.47 -46.29 -36.87
N PRO A 203 5.20 -47.05 -37.69
CA PRO A 203 5.28 -46.80 -39.14
C PRO A 203 3.92 -46.82 -39.84
N LEU A 204 3.02 -47.68 -39.36
CA LEU A 204 1.70 -47.77 -39.95
C LEU A 204 0.58 -47.21 -39.07
N ARG A 205 0.90 -46.80 -37.83
CA ARG A 205 -0.10 -46.23 -36.93
C ARG A 205 0.53 -45.17 -36.06
N ASP A 206 0.17 -43.92 -36.30
CA ASP A 206 0.73 -42.81 -35.54
C ASP A 206 -0.42 -41.86 -35.19
N GLN A 207 -0.33 -41.24 -34.01
CA GLN A 207 -1.36 -40.33 -33.57
C GLN A 207 -0.87 -38.93 -33.25
N THR A 208 0.39 -38.64 -33.55
CA THR A 208 0.95 -37.33 -33.27
C THR A 208 1.09 -36.38 -34.46
N TRP A 209 0.68 -35.14 -34.25
CA TRP A 209 0.71 -34.12 -35.29
C TRP A 209 1.48 -32.91 -34.80
N TYR A 210 1.88 -32.06 -35.73
CA TYR A 210 2.59 -30.86 -35.37
C TYR A 210 1.71 -29.69 -35.81
N LEU A 211 1.62 -28.68 -34.97
CA LEU A 211 0.87 -27.47 -35.28
C LEU A 211 1.93 -26.67 -36.02
N ALA A 212 1.83 -26.62 -37.34
CA ALA A 212 2.84 -25.95 -38.15
C ALA A 212 2.31 -24.83 -39.00
N PRO A 213 3.23 -24.07 -39.63
CA PRO A 213 2.82 -22.96 -40.49
C PRO A 213 1.93 -23.45 -41.62
N PRO A 214 1.07 -22.56 -42.15
CA PRO A 214 0.19 -22.96 -43.24
C PRO A 214 1.03 -23.10 -44.49
N VAL A 215 0.50 -23.74 -45.51
CA VAL A 215 1.25 -23.83 -46.75
C VAL A 215 0.78 -22.61 -47.56
N LEU A 216 1.53 -21.51 -47.41
CA LEU A 216 1.25 -20.24 -48.05
C LEU A 216 2.58 -19.53 -48.22
N GLU A 217 2.59 -18.48 -49.04
CA GLU A 217 3.79 -17.69 -49.21
C GLU A 217 3.89 -16.88 -47.92
N ALA A 218 5.11 -16.68 -47.43
CA ALA A 218 5.33 -15.98 -46.19
C ALA A 218 6.06 -14.69 -46.40
N THR A 219 5.70 -13.68 -45.64
CA THR A 219 6.35 -12.38 -45.78
C THR A 219 7.22 -12.15 -44.55
N ALA A 220 8.48 -11.79 -44.77
CA ALA A 220 9.38 -11.54 -43.66
C ALA A 220 8.94 -10.26 -42.92
N VAL A 221 8.83 -10.34 -41.59
CA VAL A 221 8.44 -9.19 -40.79
C VAL A 221 9.56 -8.62 -39.92
N ASN A 222 10.81 -8.91 -40.30
CA ASN A 222 11.97 -8.41 -39.58
C ASN A 222 12.19 -6.94 -39.87
N ASN B 23 -13.76 -3.91 -19.19
CA ASN B 23 -13.95 -5.11 -18.33
C ASN B 23 -12.95 -6.21 -18.70
N LEU B 24 -12.69 -7.10 -17.75
CA LEU B 24 -11.73 -8.17 -17.99
C LEU B 24 -12.09 -9.02 -19.21
N SER B 25 -13.36 -9.39 -19.31
CA SER B 25 -13.86 -10.23 -20.40
C SER B 25 -13.75 -9.57 -21.77
N ASP B 26 -13.36 -8.30 -21.80
CA ASP B 26 -13.19 -7.58 -23.07
C ASP B 26 -11.82 -7.90 -23.67
N PHE B 27 -10.92 -8.40 -22.81
CA PHE B 27 -9.56 -8.71 -23.24
C PHE B 27 -9.30 -10.19 -23.42
N LYS B 28 -8.37 -10.49 -24.33
CA LYS B 28 -7.92 -11.86 -24.55
C LYS B 28 -6.61 -11.84 -23.78
N VAL B 29 -6.57 -12.50 -22.65
CA VAL B 29 -5.38 -12.51 -21.82
C VAL B 29 -4.71 -13.86 -21.99
N ALA B 30 -3.39 -13.88 -21.90
CA ALA B 30 -2.67 -15.13 -22.02
C ALA B 30 -1.47 -15.12 -21.08
N THR B 31 -0.92 -16.30 -20.82
CA THR B 31 0.22 -16.38 -19.94
C THR B 31 1.21 -17.45 -20.41
N TRP B 32 2.50 -17.17 -20.31
CA TRP B 32 3.49 -18.16 -20.70
C TRP B 32 4.79 -18.03 -19.93
N ASN B 33 5.22 -19.12 -19.31
CA ASN B 33 6.49 -19.10 -18.60
C ASN B 33 7.51 -19.46 -19.66
N LEU B 34 8.25 -18.46 -20.10
CA LEU B 34 9.23 -18.58 -21.17
C LEU B 34 10.46 -19.42 -20.79
N GLN B 35 10.71 -19.56 -19.49
CA GLN B 35 11.85 -20.30 -18.95
C GLN B 35 13.15 -19.86 -19.63
N GLY B 36 13.32 -18.54 -19.73
CA GLY B 36 14.49 -17.98 -20.36
C GLY B 36 15.79 -18.30 -19.64
N SER B 37 16.89 -18.02 -20.31
CA SER B 37 18.19 -18.25 -19.71
C SER B 37 19.19 -17.59 -20.64
N SER B 38 20.44 -17.54 -20.22
CA SER B 38 21.45 -16.91 -21.04
C SER B 38 21.75 -17.69 -22.34
N ALA B 39 21.54 -19.01 -22.32
CA ALA B 39 21.77 -19.84 -23.49
C ALA B 39 20.65 -19.76 -24.53
N VAL B 40 19.41 -19.65 -24.07
CA VAL B 40 18.27 -19.55 -24.96
C VAL B 40 17.26 -18.57 -24.42
N ASN B 41 17.17 -17.39 -25.01
CA ASN B 41 16.16 -16.44 -24.58
C ASN B 41 15.47 -15.68 -25.73
N GLU B 42 16.29 -15.11 -26.60
CA GLU B 42 15.81 -14.31 -27.71
C GLU B 42 14.98 -15.12 -28.70
N SER B 43 15.41 -16.34 -28.98
CA SER B 43 14.70 -17.20 -29.91
C SER B 43 13.32 -17.55 -29.39
N LYS B 44 13.18 -17.69 -28.09
CA LYS B 44 11.87 -18.00 -27.53
C LYS B 44 10.87 -16.85 -27.78
N TRP B 45 11.35 -15.62 -27.70
CA TRP B 45 10.54 -14.42 -27.91
C TRP B 45 10.03 -14.35 -29.35
N ASN B 46 10.95 -14.55 -30.29
CA ASN B 46 10.61 -14.47 -31.69
C ASN B 46 9.92 -15.69 -32.24
N ILE B 47 10.03 -16.82 -31.56
CA ILE B 47 9.35 -18.02 -32.06
C ILE B 47 7.95 -18.11 -31.43
N ASN B 48 7.90 -18.31 -30.12
CA ASN B 48 6.62 -18.44 -29.44
C ASN B 48 5.87 -17.16 -29.06
N VAL B 49 6.55 -16.21 -28.43
CA VAL B 49 5.83 -15.01 -28.03
C VAL B 49 5.18 -14.31 -29.21
N ARG B 50 5.91 -14.17 -30.31
CA ARG B 50 5.36 -13.52 -31.50
C ARG B 50 4.09 -14.23 -31.96
N GLN B 51 4.06 -15.54 -31.86
CA GLN B 51 2.89 -16.31 -32.28
C GLN B 51 1.67 -16.11 -31.35
N LEU B 52 1.93 -16.00 -30.05
CA LEU B 52 0.87 -15.80 -29.07
C LEU B 52 0.19 -14.45 -29.24
N LEU B 53 0.90 -13.46 -29.76
CA LEU B 53 0.37 -12.12 -29.96
C LEU B 53 -0.27 -11.85 -31.35
N SER B 54 -0.12 -12.78 -32.28
CA SER B 54 -0.64 -12.60 -33.64
C SER B 54 -1.99 -13.21 -33.96
N GLY B 55 -2.50 -12.87 -35.14
CA GLY B 55 -3.77 -13.39 -35.59
C GLY B 55 -5.00 -12.78 -34.93
N GLU B 56 -6.15 -13.25 -35.35
CA GLU B 56 -7.40 -12.75 -34.81
C GLU B 56 -7.52 -13.10 -33.34
N GLN B 57 -6.91 -14.22 -32.95
CA GLN B 57 -6.98 -14.65 -31.56
C GLN B 57 -5.75 -14.31 -30.73
N GLY B 58 -4.92 -13.41 -31.25
CA GLY B 58 -3.73 -12.99 -30.52
C GLY B 58 -4.11 -12.32 -29.20
N ALA B 59 -3.26 -12.47 -28.19
CA ALA B 59 -3.55 -11.89 -26.88
C ALA B 59 -3.50 -10.38 -26.87
N ASP B 60 -4.37 -9.77 -26.08
CA ASP B 60 -4.40 -8.31 -25.94
C ASP B 60 -3.37 -7.99 -24.86
N ILE B 61 -3.24 -8.92 -23.93
CA ILE B 61 -2.30 -8.80 -22.83
C ILE B 61 -1.70 -10.18 -22.59
N LEU B 62 -0.37 -10.26 -22.56
CA LEU B 62 0.31 -11.54 -22.34
C LEU B 62 1.28 -11.43 -21.17
N MET B 63 1.08 -12.25 -20.16
CA MET B 63 1.99 -12.22 -19.05
C MET B 63 3.14 -13.19 -19.36
N VAL B 64 4.36 -12.75 -19.12
CA VAL B 64 5.55 -13.57 -19.37
C VAL B 64 6.36 -13.72 -18.08
N GLN B 65 6.67 -14.96 -17.71
CA GLN B 65 7.48 -15.25 -16.53
C GLN B 65 8.85 -15.75 -17.02
N GLU B 66 9.86 -15.58 -16.18
CA GLU B 66 11.21 -15.99 -16.52
C GLU B 66 11.52 -15.46 -17.91
N ALA B 67 11.22 -14.18 -18.12
CA ALA B 67 11.42 -13.55 -19.42
C ALA B 67 12.85 -13.28 -19.84
N GLY B 68 13.79 -13.41 -18.91
CA GLY B 68 15.18 -13.14 -19.23
C GLY B 68 15.23 -11.74 -19.79
N SER B 69 15.89 -11.58 -20.93
CA SER B 69 16.02 -10.29 -21.62
C SER B 69 14.85 -10.09 -22.56
N LEU B 70 14.55 -8.84 -22.84
CA LEU B 70 13.47 -8.49 -23.75
C LEU B 70 14.03 -8.62 -25.13
N PRO B 71 13.17 -8.68 -26.16
CA PRO B 71 13.69 -8.79 -27.52
C PRO B 71 14.70 -7.65 -27.70
N SER B 72 15.83 -7.96 -28.33
CA SER B 72 16.87 -6.97 -28.54
C SER B 72 16.42 -5.75 -29.31
N SER B 73 15.31 -5.87 -30.03
CA SER B 73 14.79 -4.73 -30.78
C SER B 73 13.83 -3.86 -29.97
N ALA B 74 13.47 -4.32 -28.77
CA ALA B 74 12.57 -3.54 -27.92
C ALA B 74 13.28 -2.23 -27.55
N VAL B 75 12.51 -1.16 -27.40
CA VAL B 75 13.07 0.15 -27.07
C VAL B 75 12.40 0.73 -25.83
N ARG B 76 13.22 1.15 -24.88
CA ARG B 76 12.72 1.74 -23.65
C ARG B 76 12.21 3.12 -23.94
N THR B 77 11.02 3.44 -23.41
CA THR B 77 10.45 4.77 -23.61
C THR B 77 10.99 5.67 -22.49
N SER B 78 10.70 6.96 -22.59
CA SER B 78 11.13 7.92 -21.59
C SER B 78 10.20 7.95 -20.36
N ARG B 79 9.04 7.33 -20.48
CA ARG B 79 8.08 7.27 -19.40
C ARG B 79 8.61 6.60 -18.13
N VAL B 80 8.55 7.33 -17.02
CA VAL B 80 8.98 6.79 -15.75
C VAL B 80 7.74 6.33 -15.00
N ILE B 81 7.64 5.03 -14.80
CA ILE B 81 6.50 4.43 -14.11
C ILE B 81 6.96 3.71 -12.85
N GLN B 82 8.18 4.00 -12.43
CA GLN B 82 8.77 3.36 -11.26
C GLN B 82 8.98 4.37 -10.14
N HIS B 83 8.04 4.34 -9.21
CA HIS B 83 8.07 5.25 -8.07
C HIS B 83 8.47 4.52 -6.79
N GLY B 84 8.80 3.23 -6.90
CA GLY B 84 9.17 2.47 -5.73
C GLY B 84 10.61 1.98 -5.86
N GLY B 85 10.90 0.87 -5.18
CA GLY B 85 12.24 0.30 -5.24
C GLY B 85 12.36 -0.84 -6.24
N THR B 86 11.29 -1.61 -6.40
CA THR B 86 11.29 -2.71 -7.36
C THR B 86 11.16 -2.09 -8.75
N PRO B 87 12.05 -2.50 -9.67
CA PRO B 87 12.08 -2.01 -11.05
C PRO B 87 10.87 -2.35 -11.93
N ILE B 88 10.46 -1.37 -12.72
CA ILE B 88 9.37 -1.55 -13.66
C ILE B 88 9.55 -0.51 -14.76
N GLU B 89 9.74 -0.96 -15.99
CA GLU B 89 9.93 -0.05 -17.10
C GLU B 89 9.05 -0.37 -18.30
N GLU B 90 8.80 0.64 -19.09
CA GLU B 90 7.98 0.51 -20.27
C GLU B 90 8.86 0.49 -21.49
N TYR B 91 8.53 -0.40 -22.43
CA TYR B 91 9.27 -0.52 -23.68
C TYR B 91 8.24 -0.71 -24.79
N THR B 92 8.63 -0.41 -26.02
CA THR B 92 7.75 -0.67 -27.15
C THR B 92 8.50 -1.73 -27.97
N TRP B 93 7.76 -2.58 -28.69
CA TRP B 93 8.37 -3.60 -29.51
C TRP B 93 7.60 -3.73 -30.82
N ASN B 94 8.28 -3.51 -31.93
CA ASN B 94 7.66 -3.59 -33.23
C ASN B 94 7.69 -5.00 -33.82
N LEU B 95 6.54 -5.65 -33.80
CA LEU B 95 6.38 -7.00 -34.33
C LEU B 95 6.35 -7.02 -35.85
N GLY B 96 6.35 -5.84 -36.48
CA GLY B 96 6.28 -5.79 -37.93
C GLY B 96 7.47 -5.04 -38.47
N THR B 97 7.40 -4.59 -39.71
CA THR B 97 8.51 -3.88 -40.32
C THR B 97 8.46 -2.39 -40.00
N ARG B 98 9.54 -1.69 -40.31
CA ARG B 98 9.59 -0.26 -40.05
C ARG B 98 8.47 0.43 -40.81
N SER B 99 8.36 0.09 -42.09
CA SER B 99 7.34 0.68 -42.94
C SER B 99 5.93 0.30 -42.53
N ARG B 100 5.73 -0.95 -42.15
CA ARG B 100 4.41 -1.39 -41.74
C ARG B 100 4.50 -1.95 -40.32
N PRO B 101 4.53 -1.05 -39.34
CA PRO B 101 4.63 -1.47 -37.93
C PRO B 101 3.46 -2.22 -37.33
N ASN B 102 3.76 -3.01 -36.33
CA ASN B 102 2.78 -3.77 -35.59
C ASN B 102 3.30 -3.72 -34.16
N MET B 103 2.82 -2.75 -33.38
CA MET B 103 3.31 -2.55 -32.03
C MET B 103 2.61 -3.11 -30.81
N VAL B 104 3.41 -3.25 -29.76
CA VAL B 104 2.92 -3.72 -28.47
C VAL B 104 3.84 -3.03 -27.46
N TYR B 105 3.34 -2.92 -26.24
CA TYR B 105 4.11 -2.31 -25.16
C TYR B 105 4.57 -3.43 -24.27
N ILE B 106 5.71 -3.24 -23.62
CA ILE B 106 6.20 -4.25 -22.71
C ILE B 106 6.51 -3.57 -21.40
N TYR B 107 5.94 -4.12 -20.33
CA TYR B 107 6.19 -3.60 -19.00
C TYR B 107 7.07 -4.66 -18.37
N TYR B 108 8.35 -4.31 -18.29
CA TYR B 108 9.40 -5.19 -17.81
C TYR B 108 9.91 -4.88 -16.40
N SER B 109 10.02 -5.93 -15.60
CA SER B 109 10.51 -5.83 -14.24
C SER B 109 11.71 -6.77 -14.14
N ARG B 110 12.91 -6.23 -14.20
CA ARG B 110 14.12 -7.05 -14.15
C ARG B 110 14.51 -7.37 -12.71
N LEU B 111 13.89 -8.41 -12.17
CA LEU B 111 14.07 -8.87 -10.80
C LEU B 111 15.35 -9.67 -10.61
N ASP B 112 15.75 -10.42 -11.63
CA ASP B 112 16.92 -11.25 -11.52
C ASP B 112 18.18 -10.46 -11.82
N VAL B 113 18.73 -9.83 -10.79
CA VAL B 113 19.95 -9.04 -10.91
C VAL B 113 21.16 -9.96 -10.92
N GLY B 114 20.99 -11.14 -10.35
CA GLY B 114 22.06 -12.12 -10.32
C GLY B 114 22.32 -12.76 -11.66
N ALA B 115 21.28 -13.34 -12.28
CA ALA B 115 21.43 -13.99 -13.58
C ALA B 115 20.58 -13.39 -14.69
N ASN B 116 19.72 -12.44 -14.35
CA ASN B 116 18.87 -11.81 -15.37
C ASN B 116 18.01 -12.79 -16.18
N ARG B 117 17.51 -13.84 -15.56
CA ARG B 117 16.65 -14.75 -16.30
C ARG B 117 15.26 -14.89 -15.67
N VAL B 118 15.16 -14.79 -14.35
CA VAL B 118 13.85 -14.89 -13.71
C VAL B 118 13.29 -13.47 -13.58
N ASN B 119 12.83 -12.95 -14.71
CA ASN B 119 12.28 -11.62 -14.83
C ASN B 119 10.81 -11.74 -15.20
N LEU B 120 10.02 -10.71 -14.90
CA LEU B 120 8.59 -10.72 -15.21
C LEU B 120 8.31 -9.66 -16.25
N ALA B 121 7.30 -9.87 -17.08
CA ALA B 121 6.93 -8.93 -18.13
C ALA B 121 5.47 -9.10 -18.52
N ILE B 122 4.88 -8.01 -19.00
CA ILE B 122 3.50 -7.97 -19.46
C ILE B 122 3.56 -7.29 -20.81
N VAL B 123 3.13 -7.98 -21.85
CA VAL B 123 3.11 -7.41 -23.20
C VAL B 123 1.67 -6.96 -23.42
N SER B 124 1.51 -5.74 -23.91
CA SER B 124 0.19 -5.16 -24.12
C SER B 124 0.12 -4.44 -25.47
N ARG B 125 -0.98 -4.61 -26.19
CA ARG B 125 -1.14 -3.91 -27.46
C ARG B 125 -1.46 -2.46 -27.10
N ARG B 126 -2.14 -2.28 -25.96
CA ARG B 126 -2.50 -0.95 -25.46
C ARG B 126 -1.60 -0.45 -24.33
N GLN B 127 -1.31 0.84 -24.33
CA GLN B 127 -0.49 1.45 -23.30
C GLN B 127 -1.20 1.43 -21.94
N ALA B 128 -0.43 1.21 -20.89
CA ALA B 128 -0.98 1.15 -19.54
C ALA B 128 -1.22 2.55 -19.03
N ASP B 129 -2.33 2.72 -18.32
CA ASP B 129 -2.69 4.01 -17.76
C ASP B 129 -1.87 4.18 -16.50
N GLU B 130 -1.49 3.05 -15.93
CA GLU B 130 -0.73 3.03 -14.70
C GLU B 130 -0.10 1.64 -14.51
N ALA B 131 1.02 1.61 -13.79
CA ALA B 131 1.73 0.36 -13.50
C ALA B 131 1.78 0.15 -12.00
N PHE B 132 1.76 -1.11 -11.57
CA PHE B 132 1.77 -1.46 -10.15
C PHE B 132 2.74 -2.59 -9.83
N ILE B 133 3.18 -2.61 -8.58
CA ILE B 133 4.04 -3.66 -8.03
C ILE B 133 3.39 -3.91 -6.68
N VAL B 134 2.95 -5.14 -6.43
CA VAL B 134 2.32 -5.47 -5.16
C VAL B 134 3.09 -6.61 -4.51
N HIS B 135 3.58 -6.37 -3.30
CA HIS B 135 4.36 -7.33 -2.53
C HIS B 135 3.53 -8.25 -1.62
N SER B 136 4.08 -9.42 -1.31
CA SER B 136 3.49 -10.46 -0.44
C SER B 136 4.32 -10.38 0.84
N ASP B 137 4.12 -11.25 1.81
CA ASP B 137 4.98 -11.18 3.00
C ASP B 137 6.47 -11.52 2.75
N SER B 138 6.80 -12.09 1.59
CA SER B 138 8.22 -12.38 1.36
C SER B 138 8.85 -11.77 0.13
N SER B 139 8.13 -10.92 -0.60
CA SER B 139 8.69 -10.34 -1.82
C SER B 139 9.92 -9.50 -1.61
N VAL B 140 10.22 -9.15 -0.36
CA VAL B 140 11.43 -8.38 -0.15
C VAL B 140 12.45 -9.28 0.51
N LEU B 141 12.07 -10.53 0.76
CA LEU B 141 13.04 -11.47 1.33
C LEU B 141 13.60 -12.29 0.16
N GLN B 142 12.90 -13.33 -0.27
CA GLN B 142 13.38 -14.14 -1.39
C GLN B 142 12.43 -14.35 -2.58
N SER B 143 11.15 -14.09 -2.37
CA SER B 143 10.13 -14.28 -3.38
C SER B 143 9.93 -13.13 -4.33
N ARG B 144 9.09 -13.36 -5.32
CA ARG B 144 8.84 -12.33 -6.33
C ARG B 144 7.48 -11.66 -6.14
N PRO B 145 7.43 -10.34 -6.37
CA PRO B 145 6.21 -9.55 -6.23
C PRO B 145 5.30 -9.68 -7.49
N ALA B 146 4.08 -9.15 -7.41
CA ALA B 146 3.17 -9.16 -8.54
C ALA B 146 3.46 -7.89 -9.30
N VAL B 147 3.57 -7.98 -10.62
CA VAL B 147 3.81 -6.81 -11.45
C VAL B 147 2.52 -6.66 -12.24
N GLY B 148 2.00 -5.44 -12.31
CA GLY B 148 0.75 -5.22 -13.01
C GLY B 148 0.60 -3.87 -13.69
N ILE B 149 -0.41 -3.77 -14.54
CA ILE B 149 -0.71 -2.53 -15.26
C ILE B 149 -2.21 -2.29 -15.23
N ARG B 150 -2.60 -1.04 -15.47
CA ARG B 150 -4.02 -0.73 -15.47
C ARG B 150 -4.39 -0.10 -16.80
N ILE B 151 -5.43 -0.65 -17.41
CA ILE B 151 -5.97 -0.10 -18.66
C ILE B 151 -7.41 0.26 -18.25
N GLY B 152 -7.69 1.54 -18.10
CA GLY B 152 -9.03 1.94 -17.71
C GLY B 152 -9.38 1.45 -16.31
N THR B 153 -10.45 0.68 -16.19
CA THR B 153 -10.85 0.19 -14.89
C THR B 153 -10.55 -1.30 -14.69
N ASP B 154 -9.63 -1.83 -15.50
CA ASP B 154 -9.23 -3.23 -15.40
C ASP B 154 -7.74 -3.31 -15.08
N VAL B 155 -7.39 -4.12 -14.09
CA VAL B 155 -6.00 -4.25 -13.67
C VAL B 155 -5.54 -5.69 -13.90
N PHE B 156 -4.37 -5.82 -14.54
CA PHE B 156 -3.80 -7.13 -14.90
C PHE B 156 -2.43 -7.36 -14.27
N PHE B 157 -2.31 -8.43 -13.50
CA PHE B 157 -1.05 -8.77 -12.82
C PHE B 157 -0.42 -10.07 -13.33
N THR B 158 0.90 -10.12 -13.36
CA THR B 158 1.59 -11.36 -13.72
C THR B 158 2.36 -11.74 -12.47
N VAL B 159 2.37 -13.03 -12.14
CA VAL B 159 3.07 -13.51 -10.97
C VAL B 159 3.81 -14.82 -11.26
N HIS B 160 4.83 -15.10 -10.47
CA HIS B 160 5.59 -16.34 -10.55
C HIS B 160 5.80 -16.74 -9.09
N ALA B 161 4.91 -17.58 -8.56
CA ALA B 161 5.00 -18.00 -7.18
C ALA B 161 6.18 -18.95 -6.93
N LEU B 162 6.59 -19.06 -5.67
CA LEU B 162 7.71 -19.94 -5.32
C LEU B 162 7.54 -21.32 -5.89
N ALA B 163 8.65 -21.86 -6.39
CA ALA B 163 8.65 -23.20 -6.99
C ALA B 163 8.25 -24.29 -6.05
N THR B 164 8.42 -24.10 -4.75
CA THR B 164 8.08 -25.16 -3.83
C THR B 164 6.65 -24.98 -3.36
N GLY B 165 5.71 -25.41 -4.18
CA GLY B 165 4.30 -25.28 -3.86
C GLY B 165 3.70 -23.88 -3.97
N GLY B 166 4.41 -22.91 -4.54
CA GLY B 166 3.86 -21.57 -4.65
C GLY B 166 3.23 -21.07 -3.36
N SER B 167 3.88 -21.34 -2.23
CA SER B 167 3.35 -20.96 -0.92
C SER B 167 3.10 -19.46 -0.71
N ASP B 168 3.65 -18.60 -1.57
CA ASP B 168 3.43 -17.16 -1.41
C ASP B 168 2.18 -16.66 -2.14
N ALA B 169 1.55 -17.53 -2.91
CA ALA B 169 0.35 -17.18 -3.69
C ALA B 169 -0.76 -16.51 -2.88
N VAL B 170 -1.13 -17.11 -1.75
CA VAL B 170 -2.19 -16.55 -0.93
C VAL B 170 -1.88 -15.15 -0.41
N SER B 171 -0.66 -14.91 0.02
CA SER B 171 -0.31 -13.57 0.50
C SER B 171 -0.33 -12.60 -0.68
N LEU B 172 0.08 -13.08 -1.85
CA LEU B 172 0.09 -12.25 -3.06
C LEU B 172 -1.33 -11.82 -3.51
N ILE B 173 -2.26 -12.76 -3.52
CA ILE B 173 -3.67 -12.50 -3.90
C ILE B 173 -4.33 -11.60 -2.85
N ARG B 174 -4.15 -11.96 -1.59
CA ARG B 174 -4.69 -11.22 -0.46
C ARG B 174 -4.28 -9.77 -0.49
N ASN B 175 -2.99 -9.52 -0.68
CA ASN B 175 -2.43 -8.16 -0.74
C ASN B 175 -2.94 -7.35 -1.94
N ILE B 176 -3.20 -8.00 -3.07
CA ILE B 176 -3.74 -7.28 -4.23
C ILE B 176 -5.22 -6.93 -3.90
N PHE B 177 -5.90 -7.86 -3.25
CA PHE B 177 -7.30 -7.69 -2.86
C PHE B 177 -7.45 -6.50 -1.92
N THR B 178 -6.62 -6.44 -0.88
CA THR B 178 -6.71 -5.34 0.05
C THR B 178 -6.26 -4.04 -0.60
N THR B 179 -5.32 -4.10 -1.53
CA THR B 179 -4.90 -2.87 -2.19
C THR B 179 -5.96 -2.20 -3.07
N PHE B 180 -6.77 -3.02 -3.75
CA PHE B 180 -7.78 -2.47 -4.65
C PHE B 180 -9.22 -2.59 -4.21
N THR B 181 -9.54 -3.69 -3.57
CA THR B 181 -10.91 -3.97 -3.18
C THR B 181 -11.37 -3.68 -1.76
N SER B 182 -10.67 -4.19 -0.74
CA SER B 182 -11.11 -3.95 0.64
C SER B 182 -10.63 -2.65 1.30
N SER B 183 -9.35 -2.31 1.10
CA SER B 183 -8.75 -1.10 1.66
C SER B 183 -8.13 -0.14 0.63
N PRO B 184 -8.82 0.17 -0.48
CA PRO B 184 -8.23 1.06 -1.45
C PRO B 184 -7.95 2.42 -0.86
N SER B 185 -6.97 3.12 -1.44
CA SER B 185 -6.55 4.43 -1.02
C SER B 185 -7.32 5.52 -1.74
N SER B 186 -8.20 5.11 -2.65
CA SER B 186 -9.06 6.01 -3.40
C SER B 186 -10.31 5.21 -3.74
N PRO B 187 -11.47 5.88 -3.81
CA PRO B 187 -12.75 5.23 -4.09
C PRO B 187 -12.79 4.49 -5.43
N GLU B 188 -12.16 5.07 -6.46
CA GLU B 188 -12.14 4.46 -7.79
C GLU B 188 -11.69 2.99 -7.75
N ARG B 189 -10.58 2.73 -7.04
CA ARG B 189 -10.01 1.41 -6.98
C ARG B 189 -10.99 0.29 -6.66
N ARG B 190 -11.96 0.57 -5.80
CA ARG B 190 -12.95 -0.44 -5.46
C ARG B 190 -13.75 -0.82 -6.73
N GLY B 191 -13.81 0.11 -7.68
CA GLY B 191 -14.53 -0.16 -8.91
C GLY B 191 -13.68 -0.81 -9.99
N TYR B 192 -12.40 -1.04 -9.70
CA TYR B 192 -11.48 -1.67 -10.66
C TYR B 192 -11.61 -3.19 -10.60
N SER B 193 -11.54 -3.83 -11.76
CA SER B 193 -11.61 -5.28 -11.78
C SER B 193 -10.13 -5.68 -11.87
N TRP B 194 -9.75 -6.82 -11.31
CA TRP B 194 -8.36 -7.20 -11.44
C TRP B 194 -8.16 -8.67 -11.76
N MET B 195 -7.06 -8.95 -12.44
CA MET B 195 -6.77 -10.31 -12.86
C MET B 195 -5.31 -10.65 -12.58
N VAL B 196 -5.09 -11.71 -11.79
CA VAL B 196 -3.75 -12.18 -11.47
C VAL B 196 -3.50 -13.44 -12.28
N VAL B 197 -2.57 -13.33 -13.22
CA VAL B 197 -2.24 -14.41 -14.15
C VAL B 197 -0.78 -14.87 -14.15
N GLY B 198 -0.57 -16.18 -14.15
CA GLY B 198 0.78 -16.71 -14.19
C GLY B 198 1.02 -18.10 -13.63
N ASP B 199 2.27 -18.35 -13.25
CA ASP B 199 2.71 -19.62 -12.69
C ASP B 199 2.48 -19.65 -11.18
N PHE B 200 1.43 -20.31 -10.73
CA PHE B 200 1.15 -20.36 -9.30
C PHE B 200 1.92 -21.49 -8.63
N ASN B 201 2.53 -22.32 -9.46
CA ASN B 201 3.32 -23.45 -8.99
C ASN B 201 2.57 -24.33 -8.01
N ARG B 202 1.27 -24.48 -8.23
CA ARG B 202 0.45 -25.32 -7.36
C ARG B 202 -0.83 -25.59 -8.12
N ALA B 203 -1.50 -26.67 -7.80
CA ALA B 203 -2.74 -27.02 -8.48
C ALA B 203 -3.87 -26.05 -8.12
N PRO B 204 -4.72 -25.70 -9.09
CA PRO B 204 -5.84 -24.77 -8.83
C PRO B 204 -6.65 -25.13 -7.59
N VAL B 205 -6.98 -26.42 -7.46
CA VAL B 205 -7.75 -26.91 -6.32
C VAL B 205 -6.99 -26.74 -5.01
N ASN B 206 -5.66 -26.79 -5.09
CA ASN B 206 -4.81 -26.64 -3.90
C ASN B 206 -4.80 -25.18 -3.46
N LEU B 207 -4.73 -24.28 -4.44
CA LEU B 207 -4.77 -22.85 -4.14
C LEU B 207 -6.17 -22.49 -3.69
N GLU B 208 -7.17 -23.10 -4.31
CA GLU B 208 -8.54 -22.81 -3.97
C GLU B 208 -8.83 -23.18 -2.52
N ALA B 209 -8.33 -24.35 -2.10
CA ALA B 209 -8.53 -24.79 -0.74
C ALA B 209 -7.95 -23.79 0.25
N ALA B 210 -6.74 -23.32 -0.02
CA ALA B 210 -6.05 -22.36 0.83
C ALA B 210 -6.76 -20.99 0.95
N LEU B 211 -7.30 -20.51 -0.16
CA LEU B 211 -7.98 -19.21 -0.14
C LEU B 211 -9.29 -19.26 0.64
N ARG B 212 -9.90 -20.44 0.71
CA ARG B 212 -11.15 -20.60 1.44
C ARG B 212 -10.97 -20.40 2.93
N GLN B 213 -9.72 -20.23 3.35
CA GLN B 213 -9.45 -20.02 4.75
C GLN B 213 -9.76 -18.56 5.05
N GLU B 214 -9.86 -17.76 3.99
CA GLU B 214 -10.15 -16.33 4.11
C GLU B 214 -11.34 -15.98 3.21
N PRO B 215 -12.56 -16.12 3.74
CA PRO B 215 -13.83 -15.84 3.05
C PRO B 215 -13.91 -14.54 2.26
N ALA B 216 -13.42 -13.46 2.84
CA ALA B 216 -13.45 -12.16 2.16
C ALA B 216 -12.71 -12.22 0.82
N VAL B 217 -11.54 -12.83 0.81
CA VAL B 217 -10.74 -12.96 -0.41
C VAL B 217 -11.39 -13.97 -1.36
N SER B 218 -11.70 -15.13 -0.81
CA SER B 218 -12.32 -16.25 -1.52
C SER B 218 -13.69 -15.96 -2.17
N GLU B 219 -14.54 -15.17 -1.53
CA GLU B 219 -15.86 -14.85 -2.07
C GLU B 219 -15.84 -13.75 -3.11
N ASN B 220 -14.76 -12.99 -3.14
CA ASN B 220 -14.60 -11.91 -4.09
C ASN B 220 -13.72 -12.31 -5.27
N THR B 221 -13.36 -13.59 -5.35
CA THR B 221 -12.52 -14.03 -6.47
C THR B 221 -13.07 -15.30 -7.12
N ILE B 222 -12.48 -15.63 -8.26
CA ILE B 222 -12.85 -16.83 -8.99
C ILE B 222 -11.55 -17.28 -9.68
N ILE B 223 -11.15 -18.53 -9.43
CA ILE B 223 -9.95 -19.08 -10.05
C ILE B 223 -10.39 -19.61 -11.42
N ILE B 224 -9.64 -19.28 -12.47
CA ILE B 224 -9.94 -19.73 -13.83
C ILE B 224 -8.70 -20.45 -14.39
N ALA B 225 -8.80 -21.77 -14.50
CA ALA B 225 -7.72 -22.61 -14.97
C ALA B 225 -8.16 -23.72 -15.94
N PRO B 226 -7.20 -24.23 -16.75
CA PRO B 226 -7.51 -25.29 -17.72
C PRO B 226 -7.58 -26.64 -17.01
N THR B 227 -8.11 -27.67 -17.66
CA THR B 227 -8.12 -29.00 -17.05
C THR B 227 -7.09 -29.90 -17.72
N GLU B 228 -6.37 -29.33 -18.69
CA GLU B 228 -5.32 -30.02 -19.41
C GLU B 228 -4.03 -29.56 -18.74
N PRO B 229 -2.97 -30.41 -18.78
CA PRO B 229 -1.70 -30.02 -18.14
C PRO B 229 -1.12 -28.74 -18.74
N THR B 230 -0.45 -27.92 -17.93
CA THR B 230 0.16 -26.70 -18.49
C THR B 230 1.67 -26.78 -18.38
N HIS B 231 2.18 -27.96 -18.04
CA HIS B 231 3.59 -28.17 -17.87
C HIS B 231 3.94 -29.61 -18.24
N ARG B 232 5.15 -29.81 -18.75
CA ARG B 232 5.57 -31.15 -19.19
C ARG B 232 5.48 -32.25 -18.16
N SER B 233 5.37 -31.89 -16.89
CA SER B 233 5.25 -32.90 -15.85
C SER B 233 3.82 -33.40 -15.80
N GLY B 234 2.92 -32.73 -16.52
CA GLY B 234 1.53 -33.13 -16.52
C GLY B 234 0.72 -32.31 -15.53
N ASN B 235 1.39 -31.48 -14.76
CA ASN B 235 0.72 -30.65 -13.78
C ASN B 235 0.10 -29.39 -14.37
N ILE B 236 -0.94 -28.88 -13.72
CA ILE B 236 -1.60 -27.66 -14.13
C ILE B 236 -1.07 -26.60 -13.16
N LEU B 237 -0.18 -25.73 -13.65
CA LEU B 237 0.45 -24.70 -12.80
C LEU B 237 0.24 -23.26 -13.21
N ASP B 238 -0.19 -23.05 -14.46
CA ASP B 238 -0.38 -21.72 -15.01
C ASP B 238 -1.86 -21.45 -15.23
N TYR B 239 -2.36 -20.41 -14.58
CA TYR B 239 -3.76 -20.05 -14.64
C TYR B 239 -4.00 -18.64 -14.12
N ALA B 240 -5.26 -18.30 -13.85
CA ALA B 240 -5.61 -16.98 -13.37
C ALA B 240 -6.56 -17.02 -12.21
N ILE B 241 -6.60 -15.94 -11.46
CA ILE B 241 -7.55 -15.78 -10.34
C ILE B 241 -8.02 -14.36 -10.54
N LEU B 242 -9.32 -14.13 -10.48
CA LEU B 242 -9.77 -12.77 -10.71
C LEU B 242 -10.89 -12.27 -9.82
N HIS B 243 -11.07 -10.96 -9.86
CA HIS B 243 -12.15 -10.33 -9.14
C HIS B 243 -12.85 -9.37 -10.11
N ASP B 244 -14.12 -9.64 -10.39
CA ASP B 244 -14.93 -8.79 -11.26
C ASP B 244 -15.69 -7.82 -10.36
N ALA B 245 -15.34 -6.54 -10.44
CA ALA B 245 -15.98 -5.51 -9.62
C ALA B 245 -17.47 -5.32 -9.93
N HIS B 246 -17.96 -5.96 -10.98
CA HIS B 246 -19.37 -5.82 -11.32
C HIS B 246 -20.12 -7.06 -11.02
N LEU B 247 -19.48 -7.97 -10.31
CA LEU B 247 -20.12 -9.20 -9.88
C LEU B 247 -20.14 -9.15 -8.36
N PRO B 248 -21.26 -9.50 -7.76
CA PRO B 248 -21.40 -9.49 -6.32
C PRO B 248 -20.52 -10.49 -5.62
N ARG B 249 -20.34 -10.27 -4.32
CA ARG B 249 -19.55 -11.17 -3.51
C ARG B 249 -20.30 -12.51 -3.60
N ARG B 250 -19.54 -13.59 -3.59
CA ARG B 250 -20.03 -14.95 -3.71
C ARG B 250 -20.65 -15.26 -5.07
N GLU B 251 -20.45 -14.39 -6.05
CA GLU B 251 -21.00 -14.62 -7.40
C GLU B 251 -20.01 -14.45 -8.53
N GLN B 252 -18.74 -14.44 -8.19
CA GLN B 252 -17.70 -14.32 -9.20
C GLN B 252 -17.75 -15.47 -10.20
N ALA B 253 -18.27 -16.62 -9.78
CA ALA B 253 -18.35 -17.79 -10.65
C ALA B 253 -19.28 -17.56 -11.82
N ARG B 254 -19.94 -16.42 -11.84
CA ARG B 254 -20.86 -16.07 -12.92
C ARG B 254 -20.02 -15.59 -14.09
N GLU B 255 -18.74 -15.33 -13.83
CA GLU B 255 -17.86 -14.83 -14.89
C GLU B 255 -17.87 -15.71 -16.15
N ARG B 256 -17.96 -15.02 -17.28
CA ARG B 256 -18.01 -15.64 -18.60
C ARG B 256 -16.63 -15.65 -19.22
N ILE B 257 -15.63 -15.99 -18.42
CA ILE B 257 -14.27 -16.08 -18.91
C ILE B 257 -13.82 -17.52 -18.66
N GLY B 258 -13.27 -18.12 -19.71
CA GLY B 258 -12.81 -19.50 -19.60
C GLY B 258 -11.34 -19.60 -19.91
N ALA B 259 -10.67 -20.58 -19.32
CA ALA B 259 -9.25 -20.75 -19.55
C ALA B 259 -8.98 -22.03 -20.33
N SER B 260 -7.93 -22.01 -21.13
CA SER B 260 -7.57 -23.19 -21.91
C SER B 260 -6.17 -23.03 -22.49
N LEU B 261 -5.54 -24.15 -22.83
CA LEU B 261 -4.22 -24.07 -23.45
C LEU B 261 -4.41 -23.31 -24.77
N MET B 262 -3.44 -22.47 -25.11
CA MET B 262 -3.48 -21.62 -26.29
C MET B 262 -2.71 -22.26 -27.46
N LEU B 263 -2.82 -23.57 -27.60
CA LEU B 263 -2.13 -24.27 -28.68
C LEU B 263 -2.65 -23.88 -30.06
N ASN B 264 -3.80 -23.24 -30.13
CA ASN B 264 -4.37 -22.82 -31.41
C ASN B 264 -3.57 -21.71 -32.02
N GLN B 265 -2.64 -21.15 -31.25
CA GLN B 265 -1.81 -20.03 -31.71
C GLN B 265 -0.43 -20.47 -32.22
N LEU B 266 -0.04 -21.71 -31.96
CA LEU B 266 1.28 -22.17 -32.37
C LEU B 266 1.48 -22.66 -33.79
N ARG B 267 2.66 -22.33 -34.32
CA ARG B 267 3.12 -22.72 -35.65
C ARG B 267 4.52 -23.35 -35.50
N SER B 268 4.93 -23.55 -34.24
CA SER B 268 6.23 -24.12 -33.93
C SER B 268 6.23 -24.90 -32.64
N GLN B 269 7.38 -25.48 -32.36
CA GLN B 269 7.59 -26.22 -31.14
C GLN B 269 7.45 -25.19 -30.01
N ILE B 270 6.91 -25.59 -28.86
CA ILE B 270 6.83 -24.68 -27.72
C ILE B 270 8.21 -24.74 -27.12
N THR B 271 8.93 -23.63 -27.11
CA THR B 271 10.29 -23.62 -26.59
C THR B 271 10.54 -23.66 -25.09
N SER B 272 9.53 -23.98 -24.29
CA SER B 272 9.69 -24.09 -22.83
C SER B 272 8.90 -25.32 -22.39
N ASP B 273 8.97 -25.67 -21.12
CA ASP B 273 8.26 -26.83 -20.58
C ASP B 273 6.85 -26.44 -20.15
N HIS B 274 6.55 -25.17 -20.30
CA HIS B 274 5.24 -24.64 -19.93
C HIS B 274 4.47 -24.34 -21.19
N PHE B 275 3.18 -24.66 -21.16
CA PHE B 275 2.31 -24.41 -22.31
C PHE B 275 1.58 -23.06 -22.11
N PRO B 276 1.41 -22.30 -23.20
CA PRO B 276 0.72 -21.01 -23.07
C PRO B 276 -0.76 -21.23 -22.73
N VAL B 277 -1.31 -20.40 -21.86
CA VAL B 277 -2.69 -20.53 -21.43
C VAL B 277 -3.41 -19.23 -21.73
N SER B 278 -4.63 -19.34 -22.26
CA SER B 278 -5.44 -18.17 -22.60
C SER B 278 -6.67 -18.09 -21.74
N PHE B 279 -7.18 -16.87 -21.62
CA PHE B 279 -8.37 -16.59 -20.84
C PHE B 279 -9.19 -15.66 -21.70
N VAL B 280 -10.31 -16.17 -22.20
CA VAL B 280 -11.16 -15.40 -23.08
C VAL B 280 -12.63 -15.50 -22.76
N HIS B 281 -13.40 -14.52 -23.20
CA HIS B 281 -14.84 -14.51 -22.99
C HIS B 281 -15.51 -15.69 -23.71
N ASP B 282 -16.45 -16.33 -23.01
CA ASP B 282 -17.21 -17.45 -23.55
C ASP B 282 -18.03 -16.95 -24.74
N ARG B 283 -17.75 -17.47 -25.92
CA ARG B 283 -18.46 -17.05 -27.14
C ARG B 283 -19.99 -17.00 -27.03
N ASP C 25 21.86 -20.26 -13.08
CA ASP C 25 23.29 -19.87 -12.80
C ASP C 25 23.37 -19.02 -11.51
N PRO C 26 23.93 -17.79 -11.51
CA PRO C 26 23.98 -17.04 -10.25
C PRO C 26 22.67 -16.29 -10.01
N THR C 27 21.57 -16.91 -10.39
CA THR C 27 20.27 -16.28 -10.26
C THR C 27 19.92 -15.80 -8.85
N THR C 28 19.14 -14.71 -8.79
CA THR C 28 18.63 -14.12 -7.55
C THR C 28 17.59 -15.08 -6.95
N TYR C 29 17.06 -15.98 -7.77
CA TYR C 29 16.04 -16.93 -7.33
C TYR C 29 16.43 -18.36 -7.59
N PRO C 30 17.21 -18.95 -6.67
CA PRO C 30 17.65 -20.33 -6.81
C PRO C 30 16.54 -21.35 -6.73
N ASP C 31 15.36 -20.91 -6.32
CA ASP C 31 14.26 -21.85 -6.22
C ASP C 31 13.83 -22.24 -7.63
N VAL C 32 14.12 -21.37 -8.59
CA VAL C 32 13.79 -21.57 -10.00
C VAL C 32 14.98 -22.24 -10.72
N GLU C 33 14.86 -23.54 -10.94
CA GLU C 33 15.89 -24.31 -11.62
C GLU C 33 16.10 -23.91 -13.08
N LEU C 34 17.36 -23.89 -13.51
CA LEU C 34 17.71 -23.53 -14.88
C LEU C 34 17.12 -24.58 -15.82
N SER C 35 16.67 -24.13 -16.98
CA SER C 35 16.09 -25.00 -17.96
C SER C 35 17.07 -25.25 -19.12
N PRO C 36 17.11 -26.50 -19.62
CA PRO C 36 17.99 -26.88 -20.73
C PRO C 36 17.44 -26.32 -22.06
N PRO C 37 18.29 -26.29 -23.09
CA PRO C 37 17.80 -25.78 -24.38
C PRO C 37 16.64 -26.61 -24.91
N PRO C 38 15.80 -26.01 -25.76
CA PRO C 38 14.67 -26.73 -26.33
C PRO C 38 15.08 -27.73 -27.45
N ARG C 39 14.34 -28.82 -27.55
CA ARG C 39 14.61 -29.85 -28.55
C ARG C 39 13.67 -29.62 -29.74
N ILE C 40 14.21 -29.58 -30.94
CA ILE C 40 13.39 -29.34 -32.13
C ILE C 40 13.85 -30.25 -33.28
N SER C 41 13.11 -30.16 -34.40
CA SER C 41 13.39 -30.86 -35.65
C SER C 41 13.22 -29.68 -36.61
N LEU C 42 14.19 -29.47 -37.49
CA LEU C 42 14.11 -28.38 -38.43
C LEU C 42 13.69 -28.96 -39.78
N ARG C 43 12.49 -28.61 -40.21
CA ARG C 43 11.93 -29.11 -41.47
C ARG C 43 11.72 -28.07 -42.53
N SER C 44 12.01 -28.43 -43.77
CA SER C 44 11.79 -27.54 -44.89
C SER C 44 10.28 -27.61 -45.05
N LEU C 45 9.63 -26.47 -45.25
CA LEU C 45 8.18 -26.49 -45.40
C LEU C 45 7.71 -27.00 -46.77
N LEU C 46 8.64 -27.02 -47.72
CA LEU C 46 8.35 -27.49 -49.07
C LEU C 46 8.40 -29.02 -49.16
N THR C 47 9.41 -29.64 -48.57
CA THR C 47 9.56 -31.10 -48.65
C THR C 47 9.19 -31.82 -47.36
N ALA C 48 9.10 -31.03 -46.27
CA ALA C 48 8.76 -31.48 -44.90
C ALA C 48 9.85 -32.40 -44.35
N GLN C 49 10.99 -32.36 -45.02
CA GLN C 49 12.15 -33.16 -44.70
C GLN C 49 12.97 -32.57 -43.56
N PRO C 50 13.22 -33.34 -42.48
CA PRO C 50 14.01 -32.77 -41.39
C PRO C 50 15.50 -32.72 -41.69
N ILE C 51 16.16 -31.69 -41.16
CA ILE C 51 17.61 -31.52 -41.30
C ILE C 51 18.18 -32.58 -40.33
N LYS C 52 19.07 -33.43 -40.81
CA LYS C 52 19.65 -34.48 -39.95
C LYS C 52 21.09 -34.24 -39.52
N ASN C 53 21.45 -34.83 -38.39
CA ASN C 53 22.82 -34.72 -37.89
C ASN C 53 23.50 -36.06 -38.23
N ASP C 54 24.83 -36.08 -38.18
CA ASP C 54 25.59 -37.28 -38.51
C ASP C 54 26.02 -38.05 -37.26
N HIS C 55 25.45 -37.68 -36.13
CA HIS C 55 25.80 -38.32 -34.87
C HIS C 55 25.12 -39.65 -34.62
N TYR C 56 23.95 -39.84 -35.22
CA TYR C 56 23.21 -41.07 -35.03
C TYR C 56 22.93 -41.73 -36.37
N ASP C 57 22.60 -43.01 -36.31
CA ASP C 57 22.29 -43.75 -37.52
C ASP C 57 21.10 -43.01 -38.13
N SER C 58 21.12 -42.83 -39.43
CA SER C 58 20.04 -42.13 -40.11
C SER C 58 18.72 -42.88 -39.90
N HIS C 59 18.80 -44.04 -39.28
CA HIS C 59 17.64 -44.84 -39.02
C HIS C 59 17.12 -44.50 -37.64
N ASN C 60 17.99 -43.88 -36.84
CA ASN C 60 17.62 -43.46 -35.50
C ASN C 60 16.91 -42.12 -35.56
N TYR C 61 15.77 -42.01 -34.87
CA TYR C 61 15.04 -40.75 -34.86
C TYR C 61 15.87 -39.63 -34.27
N LEU C 62 16.77 -39.97 -33.35
CA LEU C 62 17.67 -39.01 -32.72
C LEU C 62 18.50 -38.26 -33.74
N SER C 63 18.54 -38.78 -34.97
CA SER C 63 19.29 -38.13 -36.04
C SER C 63 18.55 -36.90 -36.60
N THR C 64 17.31 -36.70 -36.15
CA THR C 64 16.53 -35.55 -36.59
C THR C 64 16.36 -34.53 -35.47
N HIS C 65 17.03 -34.76 -34.34
CA HIS C 65 16.93 -33.86 -33.19
C HIS C 65 18.08 -32.89 -33.04
N TRP C 66 17.73 -31.67 -32.64
CA TRP C 66 18.69 -30.60 -32.46
C TRP C 66 18.28 -29.82 -31.22
N GLU C 67 19.25 -29.13 -30.63
CA GLU C 67 19.01 -28.28 -29.48
C GLU C 67 19.10 -26.88 -30.02
N LEU C 68 18.09 -26.06 -29.74
CA LEU C 68 18.14 -24.70 -30.22
C LEU C 68 18.85 -23.83 -29.18
N ILE C 69 19.96 -23.24 -29.57
CA ILE C 69 20.71 -22.37 -28.66
C ILE C 69 20.97 -21.05 -29.38
N ASP C 70 20.85 -19.96 -28.64
CA ASP C 70 21.08 -18.64 -29.23
C ASP C 70 22.56 -18.33 -29.24
N TYR C 71 22.99 -17.67 -30.30
CA TYR C 71 24.39 -17.28 -30.42
C TYR C 71 24.55 -15.88 -29.79
N LYS C 72 25.42 -15.76 -28.80
CA LYS C 72 25.64 -14.49 -28.11
C LYS C 72 26.71 -13.58 -28.70
N GLY C 73 27.44 -14.09 -29.68
CA GLY C 73 28.50 -13.31 -30.30
C GLY C 73 28.05 -12.11 -31.09
N LYS C 74 28.97 -11.17 -31.28
CA LYS C 74 28.69 -9.93 -31.99
C LYS C 74 29.38 -9.73 -33.34
N GLU C 75 30.03 -10.76 -33.86
CA GLU C 75 30.73 -10.58 -35.13
C GLU C 75 29.88 -10.70 -36.39
N TYR C 76 28.57 -10.86 -36.22
CA TYR C 76 27.66 -11.02 -37.36
C TYR C 76 26.57 -9.96 -37.43
N GLU C 77 26.75 -8.89 -36.66
CA GLU C 77 25.77 -7.81 -36.59
C GLU C 77 25.42 -7.02 -37.85
N LYS C 78 26.39 -6.82 -38.74
CA LYS C 78 26.17 -6.04 -39.98
C LYS C 78 25.15 -6.65 -40.93
N LEU C 79 25.09 -7.97 -40.97
CA LEU C 79 24.15 -8.66 -41.84
C LEU C 79 23.02 -9.36 -41.10
N ARG C 80 22.98 -9.25 -39.77
CA ARG C 80 21.92 -9.88 -39.00
C ARG C 80 20.52 -9.63 -39.52
N ASP C 81 20.30 -8.45 -40.12
CA ASP C 81 19.00 -8.14 -40.73
C ASP C 81 17.79 -8.28 -39.80
N GLY C 82 17.97 -7.95 -38.52
CA GLY C 82 16.87 -8.06 -37.58
C GLY C 82 16.49 -9.46 -37.14
N GLY C 83 17.28 -10.44 -37.57
CA GLY C 83 16.99 -11.82 -37.21
C GLY C 83 17.64 -12.21 -35.90
N THR C 84 17.39 -13.43 -35.45
CA THR C 84 17.95 -13.96 -34.21
C THR C 84 19.00 -15.04 -34.55
N LEU C 85 20.26 -14.77 -34.18
CA LEU C 85 21.38 -15.66 -34.44
C LEU C 85 21.25 -16.86 -33.53
N VAL C 86 21.39 -18.06 -34.09
CA VAL C 86 21.27 -19.29 -33.31
C VAL C 86 22.19 -20.35 -33.85
N GLN C 87 22.18 -21.49 -33.18
CA GLN C 87 22.96 -22.63 -33.59
C GLN C 87 22.10 -23.83 -33.31
N PHE C 88 22.24 -24.87 -34.13
CA PHE C 88 21.49 -26.10 -33.93
C PHE C 88 22.55 -27.09 -33.45
N LYS C 89 22.51 -27.40 -32.17
CA LYS C 89 23.49 -28.28 -31.55
C LYS C 89 23.06 -29.72 -31.44
N VAL C 90 24.00 -30.65 -31.60
CA VAL C 90 23.65 -32.06 -31.49
C VAL C 90 23.35 -32.35 -30.03
N VAL C 91 22.37 -33.19 -29.80
CA VAL C 91 22.01 -33.52 -28.45
C VAL C 91 23.12 -34.32 -27.77
N GLY C 92 23.72 -33.72 -26.74
CA GLY C 92 24.77 -34.40 -25.99
C GLY C 92 26.16 -34.46 -26.61
N ALA C 93 26.51 -33.42 -27.38
CA ALA C 93 27.80 -33.35 -28.03
C ALA C 93 28.09 -31.90 -28.38
N ALA C 94 29.37 -31.58 -28.55
CA ALA C 94 29.79 -30.21 -28.83
C ALA C 94 29.87 -29.97 -30.33
N LYS C 95 28.91 -30.55 -31.05
CA LYS C 95 28.84 -30.43 -32.50
C LYS C 95 27.56 -29.73 -32.93
N CYS C 96 27.65 -28.95 -33.99
CA CYS C 96 26.52 -28.20 -34.53
C CYS C 96 26.31 -28.46 -36.00
N PHE C 97 25.09 -28.19 -36.46
CA PHE C 97 24.77 -28.34 -37.88
C PHE C 97 25.63 -27.32 -38.61
N ALA C 98 26.16 -27.68 -39.79
CA ALA C 98 27.01 -26.76 -40.58
C ALA C 98 26.56 -26.84 -42.01
N PHE C 99 26.65 -25.75 -42.77
CA PHE C 99 26.06 -25.93 -44.06
C PHE C 99 26.69 -26.85 -45.02
N PRO C 100 27.92 -26.76 -45.55
CA PRO C 100 27.82 -27.98 -46.41
C PRO C 100 28.06 -29.29 -45.62
N GLY C 101 27.07 -29.50 -44.78
CA GLY C 101 27.03 -30.56 -43.82
C GLY C 101 26.99 -32.02 -44.16
N GLU C 102 28.13 -32.67 -44.35
CA GLU C 102 28.02 -34.12 -44.55
C GLU C 102 27.32 -34.42 -43.22
N GLY C 103 27.84 -33.77 -42.20
CA GLY C 103 27.27 -33.91 -40.88
C GLY C 103 27.47 -32.58 -40.21
N THR C 104 27.95 -32.71 -38.98
CA THR C 104 28.15 -31.58 -38.10
C THR C 104 29.61 -31.24 -37.87
N THR C 105 29.85 -30.03 -37.35
CA THR C 105 31.20 -29.58 -37.07
C THR C 105 31.28 -28.90 -35.71
N ASP C 106 32.50 -28.57 -35.28
CA ASP C 106 32.73 -27.93 -33.99
C ASP C 106 31.85 -26.71 -33.79
N CYS C 107 31.21 -26.63 -32.63
CA CYS C 107 30.35 -25.49 -32.34
C CYS C 107 31.20 -24.24 -32.29
N LYS C 108 32.49 -24.43 -32.08
CA LYS C 108 33.41 -23.30 -32.00
C LYS C 108 33.63 -22.69 -33.37
N ASP C 109 33.27 -23.43 -34.41
CA ASP C 109 33.45 -22.91 -35.74
C ASP C 109 32.18 -22.13 -36.09
N ILE C 110 32.12 -20.91 -35.58
CA ILE C 110 30.97 -20.03 -35.77
C ILE C 110 30.65 -19.66 -37.22
N ASP C 111 31.67 -19.39 -38.00
CA ASP C 111 31.51 -19.01 -39.40
C ASP C 111 30.66 -19.98 -40.21
N HIS C 112 30.63 -21.24 -39.78
CA HIS C 112 29.86 -22.26 -40.49
C HIS C 112 28.71 -22.86 -39.70
N THR C 113 28.62 -22.57 -38.41
CA THR C 113 27.56 -23.13 -37.57
C THR C 113 26.57 -22.12 -37.02
N VAL C 114 26.74 -20.85 -37.34
CA VAL C 114 25.83 -19.83 -36.82
C VAL C 114 24.82 -19.38 -37.87
N PHE C 115 23.54 -19.59 -37.53
CA PHE C 115 22.46 -19.24 -38.44
C PHE C 115 21.63 -18.07 -37.93
N ASN C 116 20.73 -17.59 -38.78
CA ASN C 116 19.91 -16.42 -38.49
C ASN C 116 18.41 -16.63 -38.74
N LEU C 117 17.64 -16.66 -37.67
CA LEU C 117 16.20 -16.85 -37.77
C LEU C 117 15.50 -15.53 -38.08
N ILE C 118 14.73 -15.53 -39.17
CA ILE C 118 13.98 -14.35 -39.63
C ILE C 118 12.51 -14.71 -39.55
N PRO C 119 11.74 -13.99 -38.72
CA PRO C 119 10.30 -14.25 -38.54
C PRO C 119 9.42 -13.85 -39.73
N THR C 120 8.28 -14.51 -39.87
CA THR C 120 7.34 -14.22 -40.95
C THR C 120 5.93 -14.03 -40.41
N ASN C 121 5.02 -13.65 -41.31
CA ASN C 121 3.63 -13.44 -40.93
C ASN C 121 2.86 -14.75 -40.78
N THR C 122 3.47 -15.88 -41.15
CA THR C 122 2.78 -17.16 -41.03
C THR C 122 3.27 -18.09 -39.93
N GLY C 123 4.41 -17.77 -39.31
CA GLY C 123 4.93 -18.67 -38.29
C GLY C 123 6.08 -19.50 -38.83
N ALA C 124 6.31 -19.41 -40.14
CA ALA C 124 7.39 -20.13 -40.81
C ALA C 124 8.62 -19.27 -40.59
N PHE C 125 9.80 -19.83 -40.82
CA PHE C 125 11.00 -19.03 -40.65
C PHE C 125 11.92 -19.07 -41.86
N LEU C 126 12.56 -17.96 -42.13
CA LEU C 126 13.53 -17.87 -43.20
C LEU C 126 14.80 -18.05 -42.39
N ILE C 127 15.74 -18.82 -42.91
CA ILE C 127 16.98 -19.05 -42.19
C ILE C 127 18.17 -18.70 -43.05
N LYS C 128 18.96 -17.75 -42.57
CA LYS C 128 20.14 -17.29 -43.27
C LYS C 128 21.38 -17.68 -42.49
N ASP C 129 22.51 -17.76 -43.18
CA ASP C 129 23.77 -18.06 -42.53
C ASP C 129 24.23 -16.73 -41.97
N ALA C 130 24.80 -16.75 -40.77
CA ALA C 130 25.24 -15.50 -40.15
C ALA C 130 26.34 -14.81 -40.93
N LEU C 131 27.26 -15.59 -41.48
CA LEU C 131 28.39 -15.03 -42.19
C LEU C 131 28.09 -14.29 -43.47
N LEU C 132 27.40 -14.94 -44.39
CA LEU C 132 27.10 -14.34 -45.68
C LEU C 132 25.77 -13.64 -45.81
N GLY C 133 24.82 -14.00 -44.95
CA GLY C 133 23.51 -13.40 -45.05
C GLY C 133 22.75 -14.02 -46.21
N PHE C 134 23.14 -15.23 -46.58
CA PHE C 134 22.47 -15.97 -47.65
C PHE C 134 21.32 -16.78 -47.08
N CYS C 135 20.32 -17.06 -47.90
CA CYS C 135 19.17 -17.81 -47.44
C CYS C 135 19.31 -19.29 -47.67
N MET C 136 19.01 -20.09 -46.66
CA MET C 136 19.06 -21.51 -46.82
C MET C 136 17.73 -21.93 -47.47
N THR C 137 17.80 -22.74 -48.52
CA THR C 137 16.60 -23.18 -49.19
C THR C 137 16.65 -24.65 -49.56
N SER C 138 15.49 -25.22 -49.84
CA SER C 138 15.38 -26.61 -50.25
C SER C 138 14.30 -26.67 -51.32
N HIS C 139 14.70 -27.00 -52.54
CA HIS C 139 13.75 -27.05 -53.63
C HIS C 139 13.17 -28.41 -53.93
N ASP C 140 13.74 -29.44 -53.33
CA ASP C 140 13.24 -30.79 -53.56
C ASP C 140 13.89 -31.69 -52.53
N PHE C 141 13.44 -32.94 -52.47
CA PHE C 141 14.00 -33.90 -51.55
C PHE C 141 15.52 -33.92 -51.67
N ASP C 142 16.16 -33.93 -50.51
CA ASP C 142 17.62 -33.96 -50.38
C ASP C 142 18.31 -32.78 -51.03
N ASP C 143 17.56 -31.73 -51.30
CA ASP C 143 18.14 -30.54 -51.91
C ASP C 143 18.27 -29.48 -50.85
N LEU C 144 19.48 -29.03 -50.59
CA LEU C 144 19.71 -28.01 -49.60
C LEU C 144 20.73 -27.02 -50.14
N ARG C 145 20.40 -25.73 -50.15
CA ARG C 145 21.34 -24.74 -50.66
C ARG C 145 21.35 -23.41 -49.93
N LEU C 146 22.42 -22.67 -50.13
CA LEU C 146 22.63 -21.35 -49.54
C LEU C 146 22.77 -20.41 -50.72
N GLU C 147 21.73 -19.61 -50.97
CA GLU C 147 21.72 -18.69 -52.10
C GLU C 147 21.41 -17.25 -51.69
N PRO C 148 22.07 -16.28 -52.34
CA PRO C 148 21.85 -14.87 -52.02
C PRO C 148 20.37 -14.50 -52.14
N CYS C 149 19.84 -13.83 -51.12
CA CYS C 149 18.44 -13.42 -51.16
C CYS C 149 18.32 -11.92 -51.06
N GLY C 150 19.39 -11.22 -51.41
CA GLY C 150 19.36 -9.77 -51.38
C GLY C 150 20.01 -9.22 -50.14
N ILE C 151 19.96 -7.90 -49.96
CA ILE C 151 20.56 -7.26 -48.79
C ILE C 151 19.65 -7.38 -47.57
N SER C 152 18.33 -7.37 -47.82
CA SER C 152 17.36 -7.50 -46.75
C SER C 152 16.11 -8.22 -47.23
N VAL C 153 15.50 -8.99 -46.34
CA VAL C 153 14.30 -9.71 -46.68
C VAL C 153 13.04 -9.09 -46.08
N SER C 154 13.20 -8.08 -45.23
CA SER C 154 12.04 -7.42 -44.60
C SER C 154 10.97 -7.04 -45.60
N GLY C 155 9.73 -7.37 -45.26
CA GLY C 155 8.60 -7.03 -46.12
C GLY C 155 8.44 -7.82 -47.41
N ARG C 156 9.43 -8.63 -47.78
CA ARG C 156 9.36 -9.43 -48.99
C ARG C 156 8.70 -10.75 -48.64
N THR C 157 8.03 -11.35 -49.63
CA THR C 157 7.33 -12.61 -49.42
C THR C 157 8.00 -13.72 -50.20
N PHE C 158 8.08 -14.91 -49.59
CA PHE C 158 8.77 -16.02 -50.20
C PHE C 158 7.96 -17.29 -50.30
N SER C 159 8.37 -18.16 -51.22
CA SER C 159 7.71 -19.45 -51.45
C SER C 159 8.21 -20.46 -50.44
N LEU C 160 7.55 -21.61 -50.39
CA LEU C 160 7.91 -22.66 -49.44
C LEU C 160 9.37 -23.08 -49.46
N ALA C 161 10.03 -22.91 -50.60
CA ALA C 161 11.44 -23.30 -50.73
C ALA C 161 12.33 -22.62 -49.67
N TYR C 162 11.98 -21.38 -49.36
CA TYR C 162 12.72 -20.59 -48.38
C TYR C 162 12.24 -20.75 -46.97
N GLN C 163 11.11 -21.42 -46.79
CA GLN C 163 10.53 -21.56 -45.45
C GLN C 163 10.87 -22.80 -44.66
N TRP C 164 11.10 -22.59 -43.37
CA TRP C 164 11.46 -23.64 -42.45
C TRP C 164 10.54 -23.65 -41.26
N GLY C 165 10.25 -24.83 -40.74
CA GLY C 165 9.39 -24.93 -39.58
C GLY C 165 10.23 -25.45 -38.44
N ILE C 166 10.20 -24.77 -37.30
CA ILE C 166 10.93 -25.19 -36.10
C ILE C 166 9.87 -25.97 -35.32
N LEU C 167 9.88 -27.29 -35.48
CA LEU C 167 8.86 -28.13 -34.89
C LEU C 167 9.31 -29.14 -33.84
N PRO C 168 8.35 -29.83 -33.21
CA PRO C 168 8.69 -30.83 -32.19
C PRO C 168 9.65 -31.87 -32.76
N PRO C 169 10.51 -32.43 -31.90
CA PRO C 169 11.46 -33.45 -32.34
C PRO C 169 10.77 -34.72 -32.81
N PHE C 170 11.08 -35.11 -34.05
CA PHE C 170 10.52 -36.32 -34.67
C PHE C 170 10.78 -37.56 -33.82
N GLY C 171 9.77 -38.39 -33.65
CA GLY C 171 9.98 -39.57 -32.86
C GLY C 171 8.79 -39.90 -32.00
N PRO C 172 9.01 -40.63 -30.92
CA PRO C 172 7.95 -41.02 -29.99
C PRO C 172 7.63 -39.89 -29.02
N SER C 173 6.50 -40.03 -28.34
CA SER C 173 6.08 -39.02 -27.38
C SER C 173 4.96 -39.64 -26.60
N LYS C 174 4.72 -39.10 -25.41
CA LYS C 174 3.68 -39.59 -24.53
C LYS C 174 2.66 -38.50 -24.26
N ILE C 175 1.38 -38.86 -24.23
CA ILE C 175 0.32 -37.90 -23.94
C ILE C 175 0.47 -37.46 -22.49
N LEU C 176 0.47 -36.16 -22.24
CA LEU C 176 0.58 -35.66 -20.87
C LEU C 176 -0.79 -35.69 -20.22
N ARG C 177 -0.86 -36.38 -19.08
CA ARG C 177 -2.07 -36.55 -18.31
C ARG C 177 -1.98 -35.72 -17.02
N PRO C 178 -3.06 -34.97 -16.67
CA PRO C 178 -3.04 -34.14 -15.46
C PRO C 178 -3.16 -34.90 -14.16
N PRO D 70 12.49 33.45 29.36
CA PRO D 70 13.47 32.35 29.57
C PRO D 70 12.86 30.97 29.33
N SER D 71 13.67 29.93 29.54
CA SER D 71 13.28 28.54 29.30
C SER D 71 12.98 27.72 30.55
N GLU D 72 13.47 28.18 31.69
CA GLU D 72 13.26 27.48 32.94
C GLU D 72 11.88 27.74 33.57
N PRO D 73 11.38 29.00 33.51
CA PRO D 73 10.08 29.40 34.07
C PRO D 73 8.94 28.45 33.72
N SER D 74 8.86 28.10 32.43
CA SER D 74 7.84 27.19 31.92
C SER D 74 7.81 25.88 32.68
N ASN D 75 8.87 25.61 33.43
CA ASN D 75 8.90 24.36 34.18
C ASN D 75 8.21 24.44 35.52
N PHE D 76 7.80 25.63 35.93
CA PHE D 76 7.14 25.78 37.22
C PHE D 76 5.70 26.26 37.13
N MET D 77 4.92 25.92 38.14
CA MET D 77 3.52 26.25 38.21
C MET D 77 3.11 26.40 39.66
N THR D 78 1.83 26.71 39.89
CA THR D 78 1.33 26.82 41.24
C THR D 78 0.09 25.97 41.32
N LEU D 79 -0.19 25.40 42.48
CA LEU D 79 -1.39 24.61 42.69
C LEU D 79 -2.30 25.59 43.46
N MET D 80 -3.25 26.19 42.75
CA MET D 80 -4.18 27.17 43.32
C MET D 80 -5.50 26.58 43.77
N GLY D 81 -5.92 26.90 44.98
CA GLY D 81 -7.18 26.39 45.48
C GLY D 81 -8.31 27.27 44.97
N GLN D 82 -9.55 26.86 45.19
CA GLN D 82 -10.66 27.66 44.67
C GLN D 82 -10.71 29.05 45.27
N ASN D 83 -9.91 29.29 46.29
CA ASN D 83 -9.89 30.58 46.97
C ASN D 83 -8.70 31.39 46.52
N GLY D 84 -7.97 30.88 45.55
CA GLY D 84 -6.77 31.58 45.07
C GLY D 84 -5.52 31.28 45.89
N ALA D 85 -5.69 30.46 46.93
CA ALA D 85 -4.60 30.11 47.82
C ALA D 85 -3.68 29.04 47.22
N LEU D 86 -2.39 29.39 47.12
CA LEU D 86 -1.35 28.54 46.52
C LEU D 86 -0.66 27.61 47.52
N LEU D 87 -0.63 26.32 47.24
CA LEU D 87 0.04 25.36 48.10
C LEU D 87 1.49 25.85 48.15
N THR D 88 2.02 26.02 49.36
CA THR D 88 3.34 26.58 49.48
C THR D 88 4.07 26.09 50.72
N VAL D 89 5.40 26.27 50.71
CA VAL D 89 6.25 25.91 51.84
C VAL D 89 6.14 27.13 52.75
N TRP D 90 5.96 26.98 54.05
CA TRP D 90 5.98 28.20 54.85
C TRP D 90 7.32 28.22 55.57
N ALA D 91 7.52 27.23 56.43
CA ALA D 91 8.78 27.10 57.16
C ALA D 91 9.75 26.40 56.21
N LEU D 92 10.82 27.10 55.85
CA LEU D 92 11.84 26.61 54.94
C LEU D 92 12.53 25.31 55.40
N ALA D 93 12.65 25.10 56.70
CA ALA D 93 13.29 23.90 57.17
C ALA D 93 12.49 22.67 56.75
N LYS D 94 13.20 21.62 56.38
CA LYS D 94 12.59 20.39 55.91
C LYS D 94 11.75 19.72 56.95
N ARG D 95 10.74 19.00 56.45
CA ARG D 95 9.78 18.26 57.25
C ARG D 95 8.79 19.13 58.01
N ASN D 96 8.60 20.35 57.55
CA ASN D 96 7.63 21.26 58.16
C ASN D 96 6.40 21.23 57.25
N TRP D 97 5.22 21.41 57.84
CA TRP D 97 3.96 21.40 57.13
C TRP D 97 3.86 22.43 56.05
N LEU D 98 3.08 22.11 55.03
CA LEU D 98 2.83 22.98 53.89
C LEU D 98 1.49 23.64 54.20
N TRP D 99 1.29 24.87 53.69
CA TRP D 99 0.08 25.69 53.91
C TRP D 99 -0.37 26.22 52.55
N ALA D 100 -1.40 27.08 52.56
CA ALA D 100 -1.89 27.68 51.31
C ALA D 100 -2.10 29.17 51.52
N TYR D 101 -1.37 29.98 50.77
CA TYR D 101 -1.44 31.44 50.85
C TYR D 101 -1.67 32.08 49.47
N PRO D 102 -2.64 32.99 49.35
CA PRO D 102 -2.84 33.61 48.03
C PRO D 102 -1.63 34.48 47.76
N ASN D 103 -1.30 34.68 46.50
CA ASN D 103 -0.16 35.51 46.18
C ASN D 103 -0.18 36.90 46.83
N ILE D 104 -1.36 37.52 46.85
CA ILE D 104 -1.56 38.87 47.39
C ILE D 104 -1.09 39.00 48.86
N TYR D 105 -1.10 37.89 49.60
CA TYR D 105 -0.68 37.87 51.01
C TYR D 105 0.62 37.10 51.29
N SER D 106 1.35 36.74 50.24
CA SER D 106 2.61 36.03 50.38
C SER D 106 3.68 36.55 49.45
N GLN D 107 3.51 37.76 48.93
CA GLN D 107 4.48 38.28 47.97
C GLN D 107 5.94 38.16 48.37
N ASP D 108 6.21 38.19 49.66
CA ASP D 108 7.60 38.09 50.14
C ASP D 108 8.09 36.63 50.19
N PHE D 109 7.16 35.67 50.02
CA PHE D 109 7.49 34.24 50.04
C PHE D 109 8.42 33.88 48.89
N GLY D 110 8.25 34.52 47.75
CA GLY D 110 9.11 34.21 46.61
C GLY D 110 8.81 32.85 46.02
N ASN D 111 9.79 32.26 45.36
CA ASN D 111 9.58 31.01 44.66
C ASN D 111 9.35 29.73 45.43
N ILE D 112 9.23 29.82 46.75
CA ILE D 112 8.97 28.63 47.53
C ILE D 112 7.51 28.28 47.31
N ARG D 113 6.84 29.12 46.54
CA ARG D 113 5.42 28.91 46.23
C ARG D 113 5.25 28.21 44.88
N ASN D 114 6.33 28.16 44.10
CA ASN D 114 6.30 27.53 42.78
C ASN D 114 6.84 26.10 42.85
N TRP D 115 6.23 25.22 42.05
CA TRP D 115 6.58 23.81 42.02
C TRP D 115 6.75 23.30 40.61
N LYS D 116 7.54 22.24 40.47
CA LYS D 116 7.78 21.60 39.19
C LYS D 116 7.17 20.21 39.33
N ILE D 117 6.26 19.83 38.44
CA ILE D 117 5.64 18.50 38.49
C ILE D 117 6.45 17.57 37.60
N GLU D 118 6.89 16.46 38.17
CA GLU D 118 7.70 15.50 37.43
C GLU D 118 7.06 14.14 37.57
N PRO D 119 7.45 13.18 36.74
CA PRO D 119 6.83 11.87 36.87
C PRO D 119 7.40 11.17 38.10
N GLY D 120 6.58 10.42 38.81
CA GLY D 120 7.08 9.73 39.99
C GLY D 120 7.94 8.56 39.59
N LYS D 121 8.18 7.67 40.55
CA LYS D 121 8.95 6.48 40.31
C LYS D 121 8.04 5.57 39.49
N HIS D 122 6.75 5.62 39.81
CA HIS D 122 5.74 4.81 39.14
C HIS D 122 5.05 5.60 38.02
N ARG D 123 4.68 4.87 36.97
CA ARG D 123 4.09 5.41 35.73
C ARG D 123 3.10 6.58 35.71
N GLU D 124 1.94 6.43 36.31
CA GLU D 124 0.99 7.52 36.28
C GLU D 124 1.02 8.45 37.50
N TYR D 125 2.08 8.34 38.30
CA TYR D 125 2.23 9.18 39.49
C TYR D 125 3.16 10.35 39.27
N PHE D 126 3.01 11.35 40.13
CA PHE D 126 3.82 12.55 40.04
C PHE D 126 4.35 12.93 41.41
N ARG D 127 5.35 13.80 41.40
CA ARG D 127 5.94 14.31 42.61
C ARG D 127 6.06 15.80 42.37
N PHE D 128 6.19 16.58 43.42
CA PHE D 128 6.28 18.03 43.27
C PHE D 128 7.59 18.52 43.86
N VAL D 129 8.38 19.18 43.02
CA VAL D 129 9.68 19.67 43.41
C VAL D 129 9.63 21.18 43.55
N ASN D 130 10.00 21.67 44.73
CA ASN D 130 9.99 23.10 45.00
C ASN D 130 10.97 23.88 44.13
N GLN D 131 10.51 24.94 43.51
CA GLN D 131 11.39 25.71 42.66
C GLN D 131 12.59 26.30 43.40
N SER D 132 12.35 26.87 44.56
CA SER D 132 13.42 27.50 45.30
C SER D 132 14.25 26.57 46.19
N LEU D 133 13.60 25.68 46.92
CA LEU D 133 14.29 24.78 47.82
C LEU D 133 14.74 23.42 47.30
N GLY D 134 14.15 22.98 46.18
CA GLY D 134 14.50 21.70 45.63
C GLY D 134 13.92 20.54 46.41
N THR D 135 13.08 20.83 47.39
CA THR D 135 12.48 19.78 48.21
C THR D 135 11.20 19.28 47.52
N CYS D 136 10.69 18.13 47.97
CA CYS D 136 9.49 17.52 47.40
C CYS D 136 8.35 17.50 48.40
N ILE D 137 7.11 17.57 47.92
CA ILE D 137 5.94 17.50 48.79
C ILE D 137 5.88 16.02 49.21
N GLU D 138 5.47 15.75 50.44
CA GLU D 138 5.39 14.39 50.90
C GLU D 138 4.18 14.23 51.82
N ALA D 139 3.42 13.16 51.64
CA ALA D 139 2.25 12.92 52.48
C ALA D 139 2.75 12.48 53.85
N TYR D 140 2.37 13.20 54.89
CA TYR D 140 2.83 12.85 56.21
C TYR D 140 1.72 13.14 57.22
N GLY D 141 1.27 12.10 57.91
CA GLY D 141 0.20 12.27 58.88
C GLY D 141 -1.11 12.69 58.22
N ASN D 142 -1.70 13.78 58.72
CA ASN D 142 -2.95 14.30 58.17
C ASN D 142 -2.67 15.56 57.37
N GLY D 143 -1.43 15.73 56.97
CA GLY D 143 -1.09 16.90 56.18
C GLY D 143 0.04 16.62 55.23
N LEU D 144 0.61 17.68 54.67
CA LEU D 144 1.71 17.56 53.75
C LEU D 144 2.91 18.29 54.32
N ILE D 145 4.10 17.76 54.07
CA ILE D 145 5.34 18.41 54.51
C ILE D 145 6.20 18.39 53.28
N HIS D 146 7.40 18.95 53.37
CA HIS D 146 8.29 18.92 52.24
C HIS D 146 9.60 18.40 52.78
N ASP D 147 10.16 17.39 52.12
CA ASP D 147 11.40 16.77 52.53
C ASP D 147 12.33 16.49 51.35
N THR D 148 13.52 15.98 51.66
CA THR D 148 14.51 15.65 50.63
C THR D 148 13.88 14.73 49.60
N CYS D 149 14.11 15.03 48.32
CA CYS D 149 13.53 14.19 47.26
C CYS D 149 14.14 12.79 47.24
N SER D 150 13.28 11.79 47.06
CA SER D 150 13.76 10.43 46.99
C SER D 150 12.70 9.63 46.23
N LEU D 151 13.07 9.11 45.07
CA LEU D 151 12.15 8.36 44.23
C LEU D 151 11.58 7.10 44.88
N ASP D 152 12.28 6.61 45.89
CA ASP D 152 11.84 5.40 46.58
C ASP D 152 10.85 5.66 47.71
N LYS D 153 10.63 6.94 48.02
CA LYS D 153 9.67 7.31 49.04
C LYS D 153 8.30 7.42 48.35
N LEU D 154 7.46 6.41 48.56
CA LEU D 154 6.13 6.40 47.98
C LEU D 154 5.30 7.61 48.43
N ALA D 155 5.43 7.97 49.70
CA ALA D 155 4.68 9.10 50.24
C ALA D 155 4.88 10.37 49.45
N GLN D 156 5.88 10.40 48.58
CA GLN D 156 6.17 11.58 47.76
C GLN D 156 5.58 11.50 46.34
N GLU D 157 4.75 10.49 46.11
CA GLU D 157 4.10 10.29 44.81
C GLU D 157 2.60 10.55 44.92
N PHE D 158 2.07 11.35 43.99
CA PHE D 158 0.65 11.67 44.01
C PHE D 158 -0.06 11.45 42.67
N GLU D 159 -1.37 11.26 42.75
CA GLU D 159 -2.19 11.08 41.57
C GLU D 159 -2.93 12.38 41.32
N LEU D 160 -2.93 12.85 40.08
CA LEU D 160 -3.65 14.06 39.74
C LEU D 160 -4.91 13.57 39.03
N LEU D 161 -6.01 13.50 39.78
CA LEU D 161 -7.30 13.02 39.28
C LEU D 161 -8.09 14.11 38.60
N PRO D 162 -8.52 13.86 37.36
CA PRO D 162 -9.30 14.91 36.69
C PRO D 162 -10.73 14.97 37.24
N THR D 163 -11.36 16.14 37.16
CA THR D 163 -12.74 16.29 37.61
C THR D 163 -13.53 16.77 36.41
N ASP D 164 -14.86 16.73 36.48
CA ASP D 164 -15.66 17.18 35.36
C ASP D 164 -15.62 18.69 35.10
N SER D 165 -14.99 19.45 35.98
CA SER D 165 -14.89 20.90 35.74
C SER D 165 -13.55 21.30 35.14
N GLY D 166 -12.56 20.41 35.25
CA GLY D 166 -11.24 20.68 34.71
C GLY D 166 -10.21 20.87 35.84
N ALA D 167 -10.70 21.00 37.06
CA ALA D 167 -9.87 21.15 38.24
C ALA D 167 -9.35 19.76 38.53
N VAL D 168 -8.44 19.66 39.49
CA VAL D 168 -7.91 18.36 39.84
C VAL D 168 -8.00 18.13 41.33
N VAL D 169 -7.99 16.86 41.70
CA VAL D 169 -8.02 16.44 43.08
C VAL D 169 -6.64 15.80 43.24
N ILE D 170 -5.90 16.17 44.27
CA ILE D 170 -4.57 15.61 44.47
C ILE D 170 -4.64 14.46 45.46
N LYS D 171 -4.35 13.26 44.97
CA LYS D 171 -4.43 12.08 45.82
C LYS D 171 -3.06 11.52 46.24
N SER D 172 -2.93 11.16 47.52
CA SER D 172 -1.69 10.61 48.01
C SER D 172 -1.67 9.12 47.71
N VAL D 173 -0.66 8.68 46.96
CA VAL D 173 -0.52 7.28 46.62
C VAL D 173 -0.27 6.44 47.88
N SER D 174 0.58 6.92 48.76
CA SER D 174 0.88 6.17 49.98
C SER D 174 -0.30 6.10 50.93
N GLN D 175 -1.08 7.15 51.00
CA GLN D 175 -2.23 7.18 51.92
C GLN D 175 -3.59 6.91 51.31
N GLY D 176 -3.75 7.26 50.04
CA GLY D 176 -5.04 7.07 49.43
C GLY D 176 -6.02 8.12 49.91
N ARG D 177 -5.51 9.28 50.34
CA ARG D 177 -6.34 10.36 50.81
C ARG D 177 -6.00 11.57 49.96
N CYS D 178 -6.93 12.51 49.87
CA CYS D 178 -6.74 13.69 49.06
C CYS D 178 -6.40 14.97 49.78
N VAL D 179 -5.63 15.83 49.11
CA VAL D 179 -5.23 17.10 49.68
C VAL D 179 -6.50 17.98 49.84
N THR D 180 -6.84 18.23 51.10
CA THR D 180 -8.01 19.02 51.49
C THR D 180 -7.58 20.38 52.02
N TYR D 181 -8.47 21.35 51.96
CA TYR D 181 -8.18 22.68 52.47
C TYR D 181 -9.45 23.43 52.75
N ASN D 182 -9.32 24.56 53.45
CA ASN D 182 -10.47 25.38 53.77
C ASN D 182 -10.44 26.64 52.92
N PRO D 183 -11.35 26.71 51.92
CA PRO D 183 -11.37 27.90 51.07
C PRO D 183 -11.58 29.14 51.93
N VAL D 184 -12.47 29.03 52.93
CA VAL D 184 -12.78 30.13 53.84
C VAL D 184 -11.94 30.15 55.14
N SER D 185 -11.39 31.31 55.45
CA SER D 185 -10.54 31.44 56.63
C SER D 185 -10.56 32.85 57.26
N PRO D 186 -10.53 32.92 58.60
CA PRO D 186 -10.53 34.22 59.31
C PRO D 186 -9.14 34.77 59.18
N THR D 187 -8.25 33.96 58.62
CA THR D 187 -6.88 34.37 58.40
C THR D 187 -6.58 34.39 56.90
N TYR D 188 -5.41 34.90 56.54
CA TYR D 188 -4.97 34.98 55.15
C TYR D 188 -4.49 33.65 54.56
N TYR D 189 -4.57 32.55 55.30
CA TYR D 189 -4.09 31.28 54.79
C TYR D 189 -5.03 30.12 55.06
N SER D 190 -4.89 29.08 54.24
CA SER D 190 -5.71 27.88 54.40
C SER D 190 -4.82 26.82 55.03
N THR D 191 -5.43 25.94 55.79
CA THR D 191 -4.72 24.83 56.42
C THR D 191 -4.84 23.67 55.44
N VAL D 192 -3.74 22.95 55.23
CA VAL D 192 -3.78 21.83 54.30
C VAL D 192 -3.73 20.53 55.07
N THR D 193 -4.64 19.62 54.75
CA THR D 193 -4.72 18.33 55.40
C THR D 193 -4.97 17.21 54.36
N LEU D 194 -5.10 15.97 54.83
CA LEU D 194 -5.35 14.84 53.95
C LEU D 194 -6.59 14.19 54.52
N SER D 195 -7.52 13.77 53.64
CA SER D 195 -8.75 13.12 54.09
C SER D 195 -9.45 12.35 52.97
N THR D 196 -10.53 11.63 53.31
CA THR D 196 -11.29 10.85 52.33
C THR D 196 -11.52 11.64 51.06
N CYS D 197 -11.22 11.01 49.93
CA CYS D 197 -11.40 11.66 48.63
C CYS D 197 -12.86 11.64 48.22
N ASP D 198 -13.57 12.73 48.46
CA ASP D 198 -14.98 12.83 48.08
C ASP D 198 -15.26 14.02 47.17
N GLY D 199 -14.20 14.67 46.71
CA GLY D 199 -14.34 15.82 45.82
C GLY D 199 -15.26 16.89 46.37
N ALA D 200 -15.25 17.04 47.69
CA ALA D 200 -16.08 18.03 48.38
C ALA D 200 -15.64 19.43 47.98
N THR D 201 -16.60 20.34 47.85
CA THR D 201 -16.29 21.73 47.56
C THR D 201 -17.16 22.57 48.51
N GLU D 202 -16.75 22.65 49.79
CA GLU D 202 -17.48 23.40 50.81
C GLU D 202 -16.64 24.57 51.29
N PRO D 203 -17.25 25.57 51.94
CA PRO D 203 -16.52 26.76 52.44
C PRO D 203 -15.38 26.44 53.39
N LEU D 204 -15.54 25.39 54.17
CA LEU D 204 -14.51 24.99 55.11
C LEU D 204 -13.78 23.67 54.72
N ARG D 205 -14.25 22.98 53.69
CA ARG D 205 -13.60 21.75 53.23
C ARG D 205 -13.71 21.64 51.72
N ASP D 206 -12.59 21.76 51.04
CA ASP D 206 -12.58 21.69 49.58
C ASP D 206 -11.39 20.84 49.17
N GLN D 207 -11.56 20.06 48.09
CA GLN D 207 -10.47 19.21 47.62
C GLN D 207 -10.06 19.46 46.16
N THR D 208 -10.51 20.58 45.59
CA THR D 208 -10.17 20.87 44.21
C THR D 208 -9.16 21.99 44.02
N TRP D 209 -8.19 21.75 43.15
CA TRP D 209 -7.13 22.70 42.87
C TRP D 209 -7.06 22.96 41.38
N TYR D 210 -6.39 24.03 41.01
CA TYR D 210 -6.23 24.39 39.63
C TYR D 210 -4.72 24.34 39.34
N LEU D 211 -4.37 23.79 38.18
CA LEU D 211 -2.97 23.74 37.76
C LEU D 211 -2.84 25.08 37.08
N ALA D 212 -2.19 26.02 37.76
CA ALA D 212 -2.08 27.38 37.25
C ALA D 212 -0.67 27.85 37.02
N PRO D 213 -0.51 29.01 36.36
CA PRO D 213 0.83 29.53 36.09
C PRO D 213 1.60 29.77 37.40
N PRO D 214 2.93 29.76 37.34
CA PRO D 214 3.69 30.00 38.57
C PRO D 214 3.57 31.46 38.92
N VAL D 215 3.93 31.83 40.15
CA VAL D 215 3.91 33.23 40.51
C VAL D 215 5.34 33.69 40.21
N LEU D 216 5.51 34.18 38.98
CA LEU D 216 6.78 34.68 38.45
C LEU D 216 6.42 35.76 37.45
N GLU D 217 7.41 36.54 37.05
CA GLU D 217 7.20 37.55 36.04
C GLU D 217 7.09 36.73 34.74
N ALA D 218 6.26 37.19 33.82
CA ALA D 218 6.04 36.48 32.57
C ALA D 218 6.49 37.32 31.40
N THR D 219 7.06 36.65 30.40
CA THR D 219 7.53 37.33 29.20
C THR D 219 6.59 36.99 28.04
N ALA D 220 6.07 38.01 27.35
CA ALA D 220 5.19 37.76 26.23
C ALA D 220 5.97 37.10 25.09
N VAL D 221 5.43 36.02 24.52
CA VAL D 221 6.08 35.31 23.43
C VAL D 221 5.34 35.44 22.10
N ASN D 222 4.51 36.48 21.99
CA ASN D 222 3.75 36.75 20.78
C ASN D 222 4.68 37.34 19.70
N ASN E 23 14.69 5.51 18.07
CA ASN E 23 13.68 4.60 18.67
C ASN E 23 12.51 5.37 19.29
N LEU E 24 11.36 4.71 19.39
CA LEU E 24 10.17 5.35 19.91
C LEU E 24 10.39 5.93 21.31
N SER E 25 11.01 5.13 22.19
CA SER E 25 11.28 5.53 23.57
C SER E 25 12.24 6.70 23.71
N ASP E 26 12.76 7.19 22.60
CA ASP E 26 13.66 8.36 22.59
C ASP E 26 12.81 9.65 22.53
N PHE E 27 11.55 9.50 22.13
CA PHE E 27 10.64 10.63 22.00
C PHE E 27 9.61 10.73 23.10
N LYS E 28 9.21 11.96 23.40
CA LYS E 28 8.13 12.21 24.34
C LYS E 28 7.00 12.47 23.38
N VAL E 29 6.07 11.52 23.31
CA VAL E 29 4.95 11.66 22.41
C VAL E 29 3.71 12.01 23.23
N ALA E 30 2.81 12.78 22.65
CA ALA E 30 1.61 13.18 23.36
C ALA E 30 0.46 13.23 22.39
N THR E 31 -0.76 13.20 22.91
CA THR E 31 -1.92 13.25 22.04
C THR E 31 -3.03 14.09 22.64
N TRP E 32 -3.71 14.88 21.81
CA TRP E 32 -4.83 15.67 22.30
C TRP E 32 -5.93 15.93 21.27
N ASN E 33 -7.16 15.54 21.61
CA ASN E 33 -8.27 15.83 20.72
C ASN E 33 -8.73 17.23 21.12
N LEU E 34 -8.37 18.19 20.29
CA LEU E 34 -8.63 19.60 20.49
C LEU E 34 -10.12 19.98 20.40
N GLN E 35 -10.93 19.12 19.78
CA GLN E 35 -12.37 19.34 19.59
C GLN E 35 -12.65 20.73 19.02
N GLY E 36 -11.89 21.08 18.00
CA GLY E 36 -12.01 22.38 17.38
C GLY E 36 -13.33 22.61 16.68
N SER E 37 -13.57 23.88 16.36
CA SER E 37 -14.79 24.25 15.68
C SER E 37 -14.61 25.68 15.22
N SER E 38 -15.55 26.18 14.45
CA SER E 38 -15.45 27.53 13.95
C SER E 38 -15.65 28.61 15.04
N ALA E 39 -16.31 28.23 16.14
CA ALA E 39 -16.55 29.14 17.26
C ALA E 39 -15.33 29.25 18.16
N VAL E 40 -14.67 28.12 18.40
CA VAL E 40 -13.49 28.10 19.26
C VAL E 40 -12.44 27.17 18.68
N ASN E 41 -11.38 27.74 18.12
CA ASN E 41 -10.31 26.89 17.62
C ASN E 41 -8.90 27.44 17.91
N GLU E 42 -8.70 28.67 17.52
CA GLU E 42 -7.41 29.34 17.68
C GLU E 42 -6.99 29.45 19.12
N SER E 43 -7.95 29.73 20.00
CA SER E 43 -7.65 29.88 21.41
C SER E 43 -7.16 28.56 22.00
N LYS E 44 -7.73 27.45 21.57
CA LYS E 44 -7.29 26.15 22.07
C LYS E 44 -5.82 25.88 21.75
N TRP E 45 -5.38 26.29 20.57
CA TRP E 45 -3.99 26.13 20.12
C TRP E 45 -3.03 26.91 21.00
N ASN E 46 -3.34 28.18 21.20
CA ASN E 46 -2.50 29.05 21.99
C ASN E 46 -2.58 28.86 23.49
N ILE E 47 -3.66 28.24 23.97
CA ILE E 47 -3.77 28.01 25.39
C ILE E 47 -3.20 26.63 25.74
N ASN E 48 -3.81 25.58 25.22
CA ASN E 48 -3.34 24.25 25.56
C ASN E 48 -2.22 23.66 24.72
N VAL E 49 -2.33 23.73 23.40
CA VAL E 49 -1.28 23.14 22.60
C VAL E 49 0.08 23.71 22.91
N ARG E 50 0.16 25.03 23.08
CA ARG E 50 1.43 25.67 23.41
C ARG E 50 2.00 25.11 24.71
N GLN E 51 1.14 24.86 25.67
CA GLN E 51 1.58 24.33 26.95
C GLN E 51 2.09 22.88 26.85
N LEU E 52 1.47 22.07 26.00
CA LEU E 52 1.88 20.68 25.83
C LEU E 52 3.26 20.55 25.19
N LEU E 53 3.65 21.55 24.42
CA LEU E 53 4.94 21.55 23.72
C LEU E 53 6.09 22.26 24.44
N SER E 54 5.79 22.92 25.56
CA SER E 54 6.81 23.65 26.31
C SER E 54 7.42 22.95 27.51
N GLY E 55 8.46 23.56 28.06
CA GLY E 55 9.12 23.03 29.23
C GLY E 55 10.03 21.85 28.94
N GLU E 56 10.66 21.34 29.99
CA GLU E 56 11.55 20.22 29.85
C GLU E 56 10.79 18.98 29.44
N GLN E 57 9.52 18.90 29.83
CA GLN E 57 8.72 17.73 29.51
C GLN E 57 7.79 17.94 28.33
N GLY E 58 8.04 18.99 27.55
CA GLY E 58 7.22 19.26 26.37
C GLY E 58 7.33 18.12 25.38
N ALA E 59 6.26 17.86 24.64
CA ALA E 59 6.27 16.75 23.68
C ALA E 59 7.20 16.98 22.50
N ASP E 60 7.83 15.90 22.02
CA ASP E 60 8.71 16.01 20.85
C ASP E 60 7.78 15.88 19.64
N ILE E 61 6.71 15.13 19.82
CA ILE E 61 5.74 14.91 18.78
C ILE E 61 4.38 14.90 19.46
N LEU E 62 3.47 15.72 18.94
CA LEU E 62 2.13 15.80 19.50
C LEU E 62 1.06 15.55 18.44
N MET E 63 0.24 14.53 18.64
CA MET E 63 -0.81 14.28 17.68
C MET E 63 -2.03 15.09 18.11
N VAL E 64 -2.67 15.75 17.15
CA VAL E 64 -3.83 16.58 17.42
C VAL E 64 -4.98 16.10 16.55
N GLN E 65 -6.14 15.84 17.15
CA GLN E 65 -7.33 15.42 16.41
C GLN E 65 -8.33 16.57 16.44
N GLU E 66 -9.21 16.63 15.45
CA GLU E 66 -10.22 17.68 15.37
C GLU E 66 -9.50 19.01 15.51
N ALA E 67 -8.41 19.15 14.79
CA ALA E 67 -7.58 20.36 14.87
C ALA E 67 -8.15 21.62 14.24
N GLY E 68 -9.23 21.49 13.48
CA GLY E 68 -9.80 22.65 12.85
C GLY E 68 -8.71 23.33 12.06
N SER E 69 -8.57 24.64 12.20
CA SER E 69 -7.54 25.42 11.51
C SER E 69 -6.25 25.40 12.32
N LEU E 70 -5.14 25.61 11.63
CA LEU E 70 -3.85 25.63 12.30
C LEU E 70 -3.72 27.04 12.84
N PRO E 71 -2.77 27.26 13.77
CA PRO E 71 -2.63 28.61 14.30
C PRO E 71 -2.45 29.56 13.11
N SER E 72 -3.12 30.70 13.16
CA SER E 72 -3.08 31.68 12.07
C SER E 72 -1.68 32.13 11.72
N SER E 73 -0.75 31.96 12.65
CA SER E 73 0.63 32.37 12.40
C SER E 73 1.45 31.27 11.71
N ALA E 74 0.90 30.06 11.60
CA ALA E 74 1.62 28.97 10.99
C ALA E 74 1.84 29.31 9.51
N VAL E 75 2.97 28.86 8.96
CA VAL E 75 3.29 29.13 7.57
C VAL E 75 3.59 27.85 6.81
N ARG E 76 2.93 27.69 5.66
CA ARG E 76 3.12 26.52 4.83
C ARG E 76 4.46 26.61 4.15
N THR E 77 5.19 25.49 4.10
CA THR E 77 6.48 25.49 3.44
C THR E 77 6.27 25.09 2.00
N SER E 78 7.34 25.15 1.22
CA SER E 78 7.24 24.81 -0.19
C SER E 78 7.34 23.30 -0.42
N ARG E 79 7.71 22.56 0.63
CA ARG E 79 7.85 21.12 0.53
C ARG E 79 6.55 20.41 0.18
N VAL E 80 6.59 19.61 -0.88
CA VAL E 80 5.43 18.84 -1.31
C VAL E 80 5.65 17.43 -0.80
N ILE E 81 4.76 16.99 0.08
CA ILE E 81 4.85 15.66 0.67
C ILE E 81 3.58 14.88 0.37
N GLN E 82 2.69 15.50 -0.41
CA GLN E 82 1.42 14.88 -0.82
C GLN E 82 1.48 14.27 -2.23
N HIS E 83 1.68 12.97 -2.25
CA HIS E 83 1.78 12.21 -3.49
C HIS E 83 0.46 11.51 -3.82
N GLY E 84 -0.39 11.32 -2.82
CA GLY E 84 -1.69 10.69 -3.04
C GLY E 84 -2.85 11.66 -3.20
N GLY E 85 -4.05 11.19 -2.87
CA GLY E 85 -5.25 12.01 -2.98
C GLY E 85 -5.63 12.70 -1.68
N THR E 86 -5.36 12.04 -0.55
CA THR E 86 -5.65 12.61 0.76
C THR E 86 -4.60 13.68 1.02
N PRO E 87 -5.03 14.88 1.43
CA PRO E 87 -4.16 16.04 1.71
C PRO E 87 -3.23 15.90 2.90
N ILE E 88 -2.01 16.40 2.75
CA ILE E 88 -1.03 16.38 3.82
C ILE E 88 -0.02 17.46 3.49
N GLU E 89 0.11 18.44 4.39
CA GLU E 89 1.05 19.53 4.15
C GLU E 89 1.89 19.85 5.35
N GLU E 90 3.04 20.42 5.06
CA GLU E 90 3.99 20.80 6.07
C GLU E 90 3.92 22.30 6.32
N TYR E 91 3.96 22.67 7.58
CA TYR E 91 3.93 24.08 7.99
C TYR E 91 4.95 24.23 9.11
N THR E 92 5.39 25.46 9.35
CA THR E 92 6.27 25.72 10.48
C THR E 92 5.48 26.68 11.38
N TRP E 93 5.70 26.60 12.69
CA TRP E 93 5.00 27.47 13.62
C TRP E 93 5.95 27.96 14.69
N ASN E 94 6.12 29.27 14.77
CA ASN E 94 7.02 29.87 15.74
C ASN E 94 6.33 30.11 17.09
N LEU E 95 6.70 29.30 18.07
CA LEU E 95 6.16 29.39 19.42
C LEU E 95 6.80 30.53 20.21
N GLY E 96 7.82 31.16 19.64
CA GLY E 96 8.48 32.24 20.34
C GLY E 96 8.37 33.51 19.55
N THR E 97 9.25 34.48 19.83
CA THR E 97 9.21 35.75 19.14
C THR E 97 10.08 35.71 17.89
N ARG E 98 9.93 36.72 17.03
CA ARG E 98 10.71 36.78 15.82
C ARG E 98 12.20 36.75 16.14
N SER E 99 12.61 37.58 17.10
CA SER E 99 14.00 37.67 17.48
C SER E 99 14.49 36.43 18.22
N ARG E 100 13.63 35.82 19.03
CA ARG E 100 14.02 34.61 19.73
C ARG E 100 13.01 33.53 19.40
N PRO E 101 13.16 32.91 18.20
CA PRO E 101 12.26 31.85 17.76
C PRO E 101 12.30 30.53 18.50
N ASN E 102 11.16 29.85 18.49
CA ASN E 102 11.02 28.55 19.10
C ASN E 102 10.12 27.82 18.11
N MET E 103 10.74 27.09 17.20
CA MET E 103 9.98 26.39 16.15
C MET E 103 9.58 24.94 16.27
N VAL E 104 8.48 24.62 15.59
CA VAL E 104 7.97 23.26 15.53
C VAL E 104 7.42 23.14 14.11
N TYR E 105 7.27 21.91 13.64
CA TYR E 105 6.72 21.64 12.31
C TYR E 105 5.32 21.12 12.55
N ILE E 106 4.44 21.35 11.59
CA ILE E 106 3.09 20.83 11.71
C ILE E 106 2.76 20.12 10.41
N TYR E 107 2.35 18.88 10.52
CA TYR E 107 1.96 18.10 9.36
C TYR E 107 0.46 18.04 9.47
N TYR E 108 -0.18 18.84 8.62
CA TYR E 108 -1.62 19.03 8.56
C TYR E 108 -2.36 18.30 7.45
N SER E 109 -3.43 17.62 7.82
CA SER E 109 -4.26 16.90 6.86
C SER E 109 -5.69 17.47 7.00
N ARG E 110 -6.08 18.35 6.09
CA ARG E 110 -7.39 18.97 6.18
C ARG E 110 -8.44 18.05 5.55
N LEU E 111 -8.94 17.12 6.35
CA LEU E 111 -9.92 16.13 5.93
C LEU E 111 -11.34 16.69 5.87
N ASP E 112 -11.64 17.60 6.79
CA ASP E 112 -12.98 18.15 6.86
C ASP E 112 -13.13 19.28 5.88
N VAL E 113 -13.56 18.93 4.67
CA VAL E 113 -13.77 19.90 3.61
C VAL E 113 -15.15 20.55 3.79
N GLY E 114 -16.03 19.86 4.49
CA GLY E 114 -17.37 20.39 4.74
C GLY E 114 -17.39 21.49 5.79
N ALA E 115 -16.80 21.22 6.96
CA ALA E 115 -16.78 22.21 8.03
C ALA E 115 -15.39 22.61 8.49
N ASN E 116 -14.36 21.92 8.00
CA ASN E 116 -12.99 22.25 8.38
C ASN E 116 -12.68 22.18 9.87
N ARG E 117 -13.30 21.25 10.58
CA ARG E 117 -13.01 21.14 11.99
C ARG E 117 -12.46 19.76 12.36
N VAL E 118 -12.92 18.70 11.69
CA VAL E 118 -12.41 17.38 12.00
C VAL E 118 -11.20 17.11 11.11
N ASN E 119 -10.09 17.75 11.48
CA ASN E 119 -8.83 17.67 10.77
C ASN E 119 -7.81 16.99 11.67
N LEU E 120 -6.77 16.41 11.08
CA LEU E 120 -5.71 15.73 11.83
C LEU E 120 -4.42 16.51 11.67
N ALA E 121 -3.57 16.46 12.69
CA ALA E 121 -2.29 17.16 12.64
C ALA E 121 -1.28 16.52 13.58
N ILE E 122 -0.02 16.68 13.25
CA ILE E 122 1.07 16.16 14.03
C ILE E 122 2.03 17.33 14.16
N VAL E 123 2.33 17.72 15.40
CA VAL E 123 3.28 18.81 15.64
C VAL E 123 4.62 18.14 15.99
N SER E 124 5.70 18.60 15.38
CA SER E 124 7.00 18.00 15.61
C SER E 124 8.10 19.05 15.74
N ARG E 125 8.98 18.87 16.72
CA ARG E 125 10.07 19.81 16.88
C ARG E 125 11.04 19.56 15.75
N ARG E 126 11.12 18.30 15.33
CA ARG E 126 11.98 17.87 14.22
C ARG E 126 11.25 17.63 12.91
N GLN E 127 11.89 18.03 11.80
CA GLN E 127 11.32 17.83 10.49
C GLN E 127 11.19 16.35 10.12
N ALA E 128 10.11 16.02 9.42
CA ALA E 128 9.83 14.65 9.02
C ALA E 128 10.67 14.27 7.82
N ASP E 129 11.19 13.06 7.83
CA ASP E 129 12.02 12.57 6.74
C ASP E 129 11.07 12.16 5.64
N GLU E 130 9.85 11.82 6.04
CA GLU E 130 8.83 11.38 5.11
C GLU E 130 7.46 11.43 5.80
N ALA E 131 6.41 11.59 5.01
CA ALA E 131 5.04 11.62 5.53
C ALA E 131 4.24 10.46 4.92
N PHE E 132 3.27 9.95 5.69
CA PHE E 132 2.47 8.81 5.24
C PHE E 132 0.99 9.01 5.51
N ILE E 133 0.16 8.35 4.70
CA ILE E 133 -1.29 8.35 4.86
C ILE E 133 -1.62 6.89 4.68
N VAL E 134 -2.20 6.26 5.69
CA VAL E 134 -2.55 4.86 5.58
C VAL E 134 -4.07 4.70 5.78
N HIS E 135 -4.73 4.10 4.79
CA HIS E 135 -6.17 3.86 4.81
C HIS E 135 -6.61 2.53 5.42
N SER E 136 -7.83 2.50 5.96
CA SER E 136 -8.49 1.33 6.54
C SER E 136 -9.51 0.87 5.51
N ASP E 137 -10.42 -0.07 5.81
CA ASP E 137 -11.38 -0.43 4.78
C ASP E 137 -12.48 0.61 4.55
N SER E 138 -12.48 1.70 5.31
CA SER E 138 -13.51 2.69 5.09
C SER E 138 -13.04 4.12 4.95
N SER E 139 -11.74 4.35 5.02
CA SER E 139 -11.22 5.71 4.94
C SER E 139 -11.53 6.42 3.64
N VAL E 140 -12.05 5.71 2.65
CA VAL E 140 -12.42 6.40 1.41
C VAL E 140 -13.93 6.38 1.32
N LEU E 141 -14.57 5.79 2.33
CA LEU E 141 -16.02 5.79 2.39
C LEU E 141 -16.42 6.95 3.30
N GLN E 142 -16.44 6.73 4.61
CA GLN E 142 -16.79 7.80 5.57
C GLN E 142 -15.86 8.04 6.73
N SER E 143 -14.90 7.13 6.91
CA SER E 143 -13.96 7.23 8.02
C SER E 143 -12.70 7.98 7.70
N ARG E 144 -11.89 8.18 8.72
CA ARG E 144 -10.67 8.93 8.58
C ARG E 144 -9.45 8.01 8.56
N PRO E 145 -8.48 8.32 7.69
CA PRO E 145 -7.24 7.55 7.56
C PRO E 145 -6.21 7.93 8.65
N ALA E 146 -5.12 7.17 8.73
CA ALA E 146 -4.04 7.44 9.68
C ALA E 146 -3.10 8.38 8.95
N VAL E 147 -2.66 9.43 9.64
CA VAL E 147 -1.73 10.38 9.03
C VAL E 147 -0.47 10.20 9.86
N GLY E 148 0.69 10.08 9.20
CA GLY E 148 1.93 9.86 9.93
C GLY E 148 3.16 10.47 9.31
N ILE E 149 4.25 10.49 10.07
CA ILE E 149 5.52 11.04 9.60
C ILE E 149 6.62 10.09 10.05
N ARG E 150 7.77 10.19 9.40
CA ARG E 150 8.88 9.34 9.77
C ARG E 150 10.08 10.18 10.11
N ILE E 151 10.65 9.90 11.28
CA ILE E 151 11.87 10.59 11.71
C ILE E 151 12.87 9.41 11.81
N GLY E 152 13.80 9.33 10.87
CA GLY E 152 14.75 8.23 10.89
C GLY E 152 14.08 6.88 10.75
N THR E 153 14.23 6.01 11.75
CA THR E 153 13.62 4.69 11.68
C THR E 153 12.40 4.53 12.58
N ASP E 154 11.82 5.65 13.00
CA ASP E 154 10.61 5.63 13.84
C ASP E 154 9.47 6.33 13.11
N VAL E 155 8.31 5.70 13.09
CA VAL E 155 7.16 6.24 12.39
C VAL E 155 6.04 6.51 13.39
N PHE E 156 5.50 7.73 13.32
CA PHE E 156 4.45 8.18 14.24
C PHE E 156 3.14 8.52 13.53
N PHE E 157 2.06 7.87 13.93
CA PHE E 157 0.75 8.10 13.32
C PHE E 157 -0.27 8.70 14.28
N THR E 158 -1.17 9.53 13.76
CA THR E 158 -2.25 10.07 14.56
C THR E 158 -3.54 9.58 13.91
N VAL E 159 -4.49 9.13 14.71
CA VAL E 159 -5.74 8.63 14.20
C VAL E 159 -6.92 9.14 15.04
N HIS E 160 -8.10 9.14 14.43
CA HIS E 160 -9.35 9.51 15.10
C HIS E 160 -10.37 8.51 14.58
N ALA E 161 -10.53 7.41 15.31
CA ALA E 161 -11.45 6.36 14.91
C ALA E 161 -12.91 6.79 14.99
N LEU E 162 -13.77 6.07 14.29
CA LEU E 162 -15.21 6.40 14.30
C LEU E 162 -15.74 6.54 15.71
N ALA E 163 -16.60 7.53 15.89
CA ALA E 163 -17.21 7.81 17.19
C ALA E 163 -18.05 6.68 17.73
N THR E 164 -18.59 5.84 16.88
CA THR E 164 -19.43 4.76 17.37
C THR E 164 -18.56 3.53 17.62
N GLY E 165 -17.89 3.52 18.77
CA GLY E 165 -17.02 2.41 19.13
C GLY E 165 -15.70 2.29 18.37
N GLY E 166 -15.31 3.30 17.61
CA GLY E 166 -14.07 3.21 16.87
C GLY E 166 -13.89 1.89 16.13
N SER E 167 -14.96 1.42 15.50
CA SER E 167 -14.91 0.14 14.79
C SER E 167 -13.87 0.02 13.66
N ASP E 168 -13.31 1.15 13.20
CA ASP E 168 -12.32 1.10 12.11
C ASP E 168 -10.87 0.94 12.62
N ALA E 169 -10.70 0.97 13.94
CA ALA E 169 -9.39 0.86 14.55
C ALA E 169 -8.59 -0.38 14.15
N VAL E 170 -9.22 -1.55 14.16
CA VAL E 170 -8.53 -2.79 13.78
C VAL E 170 -8.06 -2.78 12.33
N SER E 171 -8.88 -2.29 11.42
CA SER E 171 -8.46 -2.23 10.02
C SER E 171 -7.30 -1.22 9.89
N LEU E 172 -7.39 -0.13 10.63
CA LEU E 172 -6.34 0.91 10.61
C LEU E 172 -4.97 0.39 11.11
N ILE E 173 -4.97 -0.28 12.25
CA ILE E 173 -3.74 -0.86 12.86
C ILE E 173 -3.17 -1.95 11.95
N ARG E 174 -4.04 -2.86 11.50
CA ARG E 174 -3.70 -3.97 10.63
C ARG E 174 -3.03 -3.49 9.34
N ASN E 175 -3.61 -2.47 8.70
CA ASN E 175 -3.05 -1.91 7.46
C ASN E 175 -1.71 -1.22 7.68
N ILE E 176 -1.51 -0.61 8.85
CA ILE E 176 -0.21 0.03 9.11
C ILE E 176 0.81 -1.10 9.30
N PHE E 177 0.39 -2.15 9.99
CA PHE E 177 1.22 -3.32 10.25
C PHE E 177 1.68 -4.00 8.94
N THR E 178 0.75 -4.20 7.99
CA THR E 178 1.13 -4.84 6.74
C THR E 178 1.97 -3.89 5.90
N THR E 179 1.71 -2.61 5.99
CA THR E 179 2.49 -1.67 5.19
C THR E 179 3.96 -1.59 5.56
N PHE E 180 4.25 -1.69 6.85
CA PHE E 180 5.62 -1.57 7.31
C PHE E 180 6.30 -2.82 7.81
N THR E 181 5.52 -3.66 8.46
CA THR E 181 6.05 -4.86 9.08
C THR E 181 5.93 -6.21 8.38
N SER E 182 4.73 -6.62 7.97
CA SER E 182 4.57 -7.92 7.32
C SER E 182 4.79 -7.92 5.80
N SER E 183 4.30 -6.90 5.10
CA SER E 183 4.46 -6.77 3.65
C SER E 183 5.11 -5.47 3.16
N PRO E 184 6.21 -5.03 3.76
CA PRO E 184 6.81 -3.79 3.30
C PRO E 184 7.24 -3.91 1.87
N SER E 185 7.27 -2.77 1.20
CA SER E 185 7.65 -2.62 -0.20
C SER E 185 9.17 -2.45 -0.35
N SER E 186 9.84 -2.30 0.78
CA SER E 186 11.29 -2.15 0.84
C SER E 186 11.75 -2.79 2.13
N PRO E 187 12.95 -3.40 2.12
CA PRO E 187 13.48 -4.06 3.31
C PRO E 187 13.62 -3.16 4.54
N GLU E 188 14.03 -1.91 4.34
CA GLU E 188 14.20 -1.10 5.53
C GLU E 188 12.94 -0.87 6.36
N ARG E 189 11.75 -0.84 5.76
CA ARG E 189 10.51 -0.62 6.52
C ARG E 189 10.28 -1.64 7.63
N ARG E 190 10.76 -2.86 7.44
CA ARG E 190 10.60 -3.89 8.45
C ARG E 190 11.41 -3.52 9.70
N GLY E 191 12.44 -2.70 9.50
CA GLY E 191 13.27 -2.26 10.60
C GLY E 191 12.77 -0.99 11.25
N TYR E 192 11.67 -0.42 10.74
CA TYR E 192 11.08 0.82 11.29
C TYR E 192 10.17 0.47 12.46
N SER E 193 10.21 1.28 13.49
CA SER E 193 9.34 1.07 14.65
C SER E 193 8.18 2.03 14.40
N TRP E 194 6.96 1.67 14.78
CA TRP E 194 5.87 2.60 14.54
C TRP E 194 4.93 2.78 15.71
N MET E 195 4.36 3.98 15.80
CA MET E 195 3.45 4.30 16.89
C MET E 195 2.15 4.94 16.40
N VAL E 196 1.03 4.33 16.76
CA VAL E 196 -0.29 4.86 16.39
C VAL E 196 -0.90 5.47 17.63
N VAL E 197 -1.04 6.79 17.60
CA VAL E 197 -1.55 7.56 18.73
C VAL E 197 -2.79 8.41 18.45
N GLY E 198 -3.75 8.38 19.37
CA GLY E 198 -4.94 9.21 19.20
C GLY E 198 -6.20 8.76 19.92
N ASP E 199 -7.33 9.20 19.36
CA ASP E 199 -8.65 8.86 19.86
C ASP E 199 -9.16 7.57 19.20
N PHE E 200 -9.08 6.46 19.92
CA PHE E 200 -9.54 5.19 19.39
C PHE E 200 -11.05 5.01 19.58
N ASN E 201 -11.64 5.92 20.34
CA ASN E 201 -13.06 5.91 20.62
C ASN E 201 -13.56 4.58 21.16
N ARG E 202 -12.71 3.90 21.93
CA ARG E 202 -13.10 2.61 22.50
C ARG E 202 -12.12 2.35 23.62
N ALA E 203 -12.52 1.51 24.57
CA ALA E 203 -11.64 1.18 25.69
C ALA E 203 -10.46 0.31 25.26
N PRO E 204 -9.27 0.57 25.83
CA PRO E 204 -8.07 -0.21 25.47
C PRO E 204 -8.29 -1.73 25.48
N VAL E 205 -8.95 -2.22 26.54
CA VAL E 205 -9.24 -3.65 26.66
C VAL E 205 -10.19 -4.12 25.55
N ASN E 206 -11.08 -3.23 25.11
CA ASN E 206 -12.02 -3.57 24.05
C ASN E 206 -11.25 -3.71 22.73
N LEU E 207 -10.32 -2.80 22.48
CA LEU E 207 -9.54 -2.84 21.26
C LEU E 207 -8.59 -4.03 21.36
N GLU E 208 -8.06 -4.28 22.55
CA GLU E 208 -7.14 -5.37 22.75
C GLU E 208 -7.79 -6.70 22.45
N ALA E 209 -9.02 -6.86 22.91
CA ALA E 209 -9.74 -8.09 22.67
C ALA E 209 -9.94 -8.35 21.18
N ALA E 210 -10.26 -7.29 20.43
CA ALA E 210 -10.48 -7.39 18.98
C ALA E 210 -9.22 -7.72 18.17
N LEU E 211 -8.07 -7.19 18.61
CA LEU E 211 -6.81 -7.42 17.91
C LEU E 211 -6.34 -8.84 18.11
N ARG E 212 -6.71 -9.44 19.23
CA ARG E 212 -6.33 -10.81 19.52
C ARG E 212 -6.92 -11.81 18.53
N GLN E 213 -7.86 -11.34 17.71
CA GLN E 213 -8.46 -12.19 16.70
C GLN E 213 -7.44 -12.40 15.59
N GLU E 214 -6.43 -11.54 15.55
CA GLU E 214 -5.36 -11.60 14.56
C GLU E 214 -4.01 -11.62 15.25
N PRO E 215 -3.52 -12.84 15.60
CA PRO E 215 -2.24 -13.07 16.27
C PRO E 215 -1.02 -12.35 15.69
N ALA E 216 -0.88 -12.34 14.37
CA ALA E 216 0.23 -11.66 13.73
C ALA E 216 0.29 -10.19 14.14
N VAL E 217 -0.86 -9.52 14.13
CA VAL E 217 -0.95 -8.10 14.49
C VAL E 217 -0.79 -7.94 16.01
N SER E 218 -1.55 -8.72 16.74
CA SER E 218 -1.55 -8.70 18.19
C SER E 218 -0.21 -9.01 18.87
N GLU E 219 0.55 -9.95 18.33
CA GLU E 219 1.85 -10.32 18.92
C GLU E 219 2.97 -9.37 18.57
N ASN E 220 2.75 -8.54 17.56
CA ASN E 220 3.77 -7.57 17.14
C ASN E 220 3.48 -6.17 17.65
N THR E 221 2.45 -6.04 18.46
CA THR E 221 2.09 -4.73 19.01
C THR E 221 1.89 -4.78 20.51
N ILE E 222 1.77 -3.59 21.09
CA ILE E 222 1.55 -3.41 22.52
C ILE E 222 0.73 -2.13 22.64
N ILE E 223 -0.42 -2.23 23.29
CA ILE E 223 -1.29 -1.08 23.52
C ILE E 223 -0.75 -0.40 24.80
N ILE E 224 -0.54 0.90 24.74
CA ILE E 224 -0.05 1.68 25.88
C ILE E 224 -1.07 2.79 26.20
N ALA E 225 -1.81 2.60 27.29
CA ALA E 225 -2.86 3.53 27.69
C ALA E 225 -2.90 3.84 29.20
N PRO E 226 -3.47 4.99 29.57
CA PRO E 226 -3.56 5.37 30.99
C PRO E 226 -4.68 4.59 31.67
N THR E 227 -4.74 4.63 32.99
CA THR E 227 -5.83 3.97 33.69
C THR E 227 -6.78 5.02 34.26
N GLU E 228 -6.44 6.28 34.03
CA GLU E 228 -7.25 7.42 34.47
C GLU E 228 -8.10 7.80 33.24
N PRO E 229 -9.31 8.35 33.46
CA PRO E 229 -10.14 8.74 32.31
C PRO E 229 -9.45 9.75 31.38
N THR E 230 -9.71 9.68 30.08
CA THR E 230 -9.09 10.65 29.18
C THR E 230 -10.16 11.53 28.55
N HIS E 231 -11.38 11.41 29.05
CA HIS E 231 -12.50 12.16 28.54
C HIS E 231 -13.48 12.46 29.66
N ARG E 232 -14.18 13.59 29.56
CA ARG E 232 -15.13 13.99 30.61
C ARG E 232 -16.22 12.99 30.95
N SER E 233 -16.44 12.00 30.09
CA SER E 233 -17.44 11.00 30.38
C SER E 233 -16.87 9.99 31.34
N GLY E 234 -15.55 10.09 31.56
CA GLY E 234 -14.89 9.16 32.46
C GLY E 234 -14.28 7.99 31.72
N ASN E 235 -14.50 7.94 30.42
CA ASN E 235 -13.95 6.86 29.61
C ASN E 235 -12.51 7.11 29.20
N ILE E 236 -11.78 6.03 28.94
CA ILE E 236 -10.40 6.10 28.49
C ILE E 236 -10.49 5.87 26.98
N LEU E 237 -10.30 6.93 26.18
CA LEU E 237 -10.42 6.81 24.73
C LEU E 237 -9.20 7.20 23.92
N ASP E 238 -8.25 7.88 24.57
CA ASP E 238 -7.03 8.35 23.93
C ASP E 238 -5.81 7.62 24.46
N TYR E 239 -5.10 6.96 23.55
CA TYR E 239 -3.93 6.17 23.90
C TYR E 239 -3.07 5.83 22.69
N ALA E 240 -2.21 4.83 22.84
CA ALA E 240 -1.34 4.45 21.74
C ALA E 240 -1.24 2.94 21.62
N ILE E 241 -0.84 2.50 20.43
CA ILE E 241 -0.61 1.08 20.15
C ILE E 241 0.69 1.15 19.39
N LEU E 242 1.67 0.34 19.74
CA LEU E 242 2.93 0.42 19.01
C LEU E 242 3.58 -0.90 18.68
N HIS E 243 4.57 -0.81 17.78
CA HIS E 243 5.35 -1.97 17.41
C HIS E 243 6.81 -1.56 17.42
N ASP E 244 7.57 -2.17 18.33
CA ASP E 244 9.01 -1.92 18.45
C ASP E 244 9.72 -2.97 17.58
N ALA E 245 10.37 -2.51 16.52
CA ALA E 245 11.07 -3.38 15.59
C ALA E 245 12.28 -4.08 16.22
N HIS E 246 12.64 -3.67 17.43
CA HIS E 246 13.78 -4.27 18.10
C HIS E 246 13.35 -5.16 19.22
N LEU E 247 12.04 -5.39 19.30
CA LEU E 247 11.49 -6.30 20.30
C LEU E 247 10.88 -7.47 19.51
N PRO E 248 11.14 -8.70 19.95
CA PRO E 248 10.63 -9.89 19.31
C PRO E 248 9.14 -10.00 19.36
N ARG E 249 8.61 -10.85 18.48
CA ARG E 249 7.19 -11.09 18.42
C ARG E 249 6.86 -11.67 19.78
N ARG E 250 5.66 -11.33 20.26
CA ARG E 250 5.15 -11.74 21.56
C ARG E 250 5.93 -11.14 22.74
N GLU E 251 6.77 -10.14 22.48
CA GLU E 251 7.55 -9.52 23.55
C GLU E 251 7.50 -8.02 23.56
N GLN E 252 6.53 -7.45 22.85
CA GLN E 252 6.39 -6.01 22.80
C GLN E 252 6.09 -5.43 24.17
N ALA E 253 5.53 -6.24 25.07
CA ALA E 253 5.21 -5.79 26.42
C ALA E 253 6.45 -5.47 27.24
N ARG E 254 7.63 -5.69 26.66
CA ARG E 254 8.88 -5.41 27.35
C ARG E 254 9.16 -3.93 27.16
N GLU E 255 8.39 -3.28 26.30
CA GLU E 255 8.57 -1.85 26.04
C GLU E 255 8.55 -1.01 27.32
N ARG E 256 9.53 -0.13 27.41
CA ARG E 256 9.72 0.76 28.55
C ARG E 256 9.11 2.11 28.28
N ILE E 257 7.88 2.08 27.77
CA ILE E 257 7.17 3.31 27.49
C ILE E 257 5.87 3.22 28.27
N GLY E 258 5.55 4.30 28.98
CA GLY E 258 4.34 4.31 29.78
C GLY E 258 3.44 5.45 29.37
N ALA E 259 2.14 5.28 29.54
CA ALA E 259 1.21 6.33 29.18
C ALA E 259 0.57 6.91 30.42
N SER E 260 0.25 8.19 30.36
CA SER E 260 -0.41 8.85 31.48
C SER E 260 -0.96 10.20 31.06
N LEU E 261 -1.94 10.70 31.80
CA LEU E 261 -2.49 12.01 31.51
C LEU E 261 -1.35 13.02 31.65
N MET E 262 -1.28 13.97 30.73
CA MET E 262 -0.22 14.96 30.72
C MET E 262 -0.60 16.26 31.44
N LEU E 263 -1.29 16.12 32.57
CA LEU E 263 -1.73 17.28 33.35
C LEU E 263 -0.58 18.07 33.99
N ASN E 264 0.62 17.49 33.98
CA ASN E 264 1.79 18.15 34.54
C ASN E 264 2.24 19.29 33.67
N GLN E 265 1.67 19.36 32.47
CA GLN E 265 2.04 20.41 31.51
C GLN E 265 1.05 21.60 31.50
N LEU E 266 -0.09 21.46 32.17
CA LEU E 266 -1.09 22.52 32.16
C LEU E 266 -0.94 23.68 33.13
N ARG E 267 -1.26 24.87 32.62
CA ARG E 267 -1.25 26.12 33.38
C ARG E 267 -2.61 26.80 33.18
N SER E 268 -3.54 26.07 32.59
CA SER E 268 -4.87 26.58 32.29
C SER E 268 -5.90 25.50 32.22
N GLN E 269 -7.13 25.93 32.02
CA GLN E 269 -8.27 25.03 31.89
C GLN E 269 -7.99 24.24 30.61
N ILE E 270 -8.39 22.97 30.57
CA ILE E 270 -8.20 22.16 29.35
C ILE E 270 -9.41 22.56 28.51
N THR E 271 -9.16 23.17 27.35
CA THR E 271 -10.25 23.64 26.51
C THR E 271 -11.06 22.65 25.68
N SER E 272 -10.94 21.35 25.98
CA SER E 272 -11.73 20.35 25.27
C SER E 272 -12.18 19.35 26.32
N ASP E 273 -13.02 18.40 25.93
CA ASP E 273 -13.53 17.36 26.83
C ASP E 273 -12.56 16.20 26.91
N HIS E 274 -11.47 16.29 26.15
CA HIS E 274 -10.45 15.25 26.14
C HIS E 274 -9.22 15.76 26.87
N PHE E 275 -8.61 14.88 27.63
CA PHE E 275 -7.41 15.23 28.38
C PHE E 275 -6.17 14.81 27.60
N PRO E 276 -5.12 15.65 27.61
CA PRO E 276 -3.91 15.27 26.87
C PRO E 276 -3.26 14.04 27.49
N VAL E 277 -2.70 13.17 26.65
CA VAL E 277 -2.08 11.94 27.13
C VAL E 277 -0.68 11.91 26.60
N SER E 278 0.27 11.54 27.47
CA SER E 278 1.68 11.45 27.10
C SER E 278 2.18 10.03 27.17
N PHE E 279 3.25 9.79 26.41
CA PHE E 279 3.85 8.48 26.32
C PHE E 279 5.33 8.77 26.38
N VAL E 280 5.95 8.31 27.47
CA VAL E 280 7.37 8.57 27.69
C VAL E 280 8.11 7.36 28.25
N HIS E 281 9.41 7.36 28.06
CA HIS E 281 10.25 6.28 28.56
C HIS E 281 10.20 6.20 30.10
N ASP E 282 10.13 4.99 30.62
CA ASP E 282 10.13 4.75 32.06
C ASP E 282 11.48 5.21 32.61
N ARG E 283 11.47 6.23 33.47
CA ARG E 283 12.71 6.76 34.07
C ARG E 283 13.68 5.69 34.62
N ASP F 25 -21.19 21.22 12.39
CA ASP F 25 -22.01 21.94 11.35
C ASP F 25 -22.08 21.14 10.02
N PRO F 26 -21.64 21.68 8.85
CA PRO F 26 -21.75 20.84 7.64
C PRO F 26 -20.50 19.99 7.48
N THR F 27 -20.05 19.43 8.59
CA THR F 27 -18.86 18.62 8.59
C THR F 27 -18.93 17.39 7.68
N THR F 28 -17.77 17.00 7.18
CA THR F 28 -17.59 15.83 6.33
C THR F 28 -17.77 14.57 7.21
N TYR F 29 -17.67 14.76 8.53
CA TYR F 29 -17.81 13.65 9.46
C TYR F 29 -18.87 13.90 10.51
N PRO F 30 -20.13 13.61 10.17
CA PRO F 30 -21.23 13.80 11.12
C PRO F 30 -21.17 12.90 12.33
N ASP F 31 -20.33 11.88 12.27
CA ASP F 31 -20.22 10.99 13.41
C ASP F 31 -19.61 11.74 14.59
N VAL F 32 -18.82 12.77 14.27
CA VAL F 32 -18.16 13.59 15.26
C VAL F 32 -19.02 14.80 15.61
N GLU F 33 -19.69 14.70 16.75
CA GLU F 33 -20.59 15.76 17.22
C GLU F 33 -19.84 17.05 17.57
N LEU F 34 -20.47 18.17 17.23
CA LEU F 34 -19.91 19.50 17.47
C LEU F 34 -19.81 19.71 18.96
N SER F 35 -18.75 20.36 19.39
CA SER F 35 -18.51 20.62 20.79
C SER F 35 -18.83 22.08 21.14
N PRO F 36 -19.44 22.30 22.31
CA PRO F 36 -19.79 23.64 22.78
C PRO F 36 -18.53 24.37 23.25
N PRO F 37 -18.61 25.69 23.42
CA PRO F 37 -17.43 26.43 23.88
C PRO F 37 -16.98 25.99 25.26
N PRO F 38 -15.70 26.21 25.58
CA PRO F 38 -15.19 25.83 26.90
C PRO F 38 -15.63 26.80 28.02
N ARG F 39 -15.82 26.26 29.21
CA ARG F 39 -16.21 27.03 30.38
C ARG F 39 -14.94 27.38 31.18
N ILE F 40 -14.78 28.65 31.54
CA ILE F 40 -13.60 29.05 32.29
C ILE F 40 -13.96 30.07 33.38
N SER F 41 -12.94 30.45 34.16
CA SER F 41 -13.06 31.48 35.19
C SER F 41 -11.81 32.25 34.83
N LEU F 42 -11.92 33.56 34.72
CA LEU F 42 -10.78 34.38 34.38
C LEU F 42 -10.31 35.02 35.68
N ARG F 43 -9.11 34.69 36.13
CA ARG F 43 -8.57 35.21 37.39
C ARG F 43 -7.32 36.02 37.23
N SER F 44 -7.24 37.12 37.96
CA SER F 44 -6.04 37.95 37.95
C SER F 44 -5.03 37.11 38.73
N LEU F 45 -3.79 37.02 38.26
CA LEU F 45 -2.82 36.20 38.95
C LEU F 45 -2.24 36.88 40.20
N LEU F 46 -2.49 38.18 40.29
CA LEU F 46 -2.04 38.97 41.43
C LEU F 46 -3.00 38.85 42.60
N THR F 47 -4.29 38.95 42.35
CA THR F 47 -5.28 38.88 43.43
C THR F 47 -6.04 37.58 43.49
N ALA F 48 -5.94 36.80 42.40
CA ALA F 48 -6.59 35.48 42.20
C ALA F 48 -8.10 35.62 42.18
N GLN F 49 -8.54 36.86 42.02
CA GLN F 49 -9.94 37.22 42.00
C GLN F 49 -10.56 36.97 40.62
N PRO F 50 -11.67 36.21 40.56
CA PRO F 50 -12.29 35.96 39.24
C PRO F 50 -13.09 37.13 38.71
N ILE F 51 -13.07 37.30 37.39
CA ILE F 51 -13.85 38.34 36.72
C ILE F 51 -15.30 37.84 36.82
N LYS F 52 -16.22 38.66 37.32
CA LYS F 52 -17.61 38.24 37.44
C LYS F 52 -18.58 38.85 36.43
N ASN F 53 -19.66 38.12 36.13
CA ASN F 53 -20.67 38.64 35.22
C ASN F 53 -21.82 39.13 36.11
N ASP F 54 -22.71 39.95 35.55
CA ASP F 54 -23.84 40.51 36.30
C ASP F 54 -25.13 39.71 36.13
N HIS F 55 -25.03 38.57 35.46
CA HIS F 55 -26.17 37.71 35.20
C HIS F 55 -26.70 36.92 36.38
N TYR F 56 -25.81 36.55 37.30
CA TYR F 56 -26.20 35.78 38.46
C TYR F 56 -25.88 36.52 39.74
N ASP F 57 -26.50 36.10 40.83
CA ASP F 57 -26.25 36.73 42.10
C ASP F 57 -24.76 36.53 42.32
N SER F 58 -24.10 37.55 42.86
CA SER F 58 -22.68 37.50 43.11
C SER F 58 -22.38 36.41 44.13
N HIS F 59 -23.42 35.81 44.65
CA HIS F 59 -23.27 34.76 45.64
C HIS F 59 -23.33 33.42 44.92
N ASN F 60 -23.82 33.46 43.69
CA ASN F 60 -23.90 32.27 42.86
C ASN F 60 -22.58 32.04 42.13
N TYR F 61 -22.01 30.84 42.29
CA TYR F 61 -20.76 30.54 41.60
C TYR F 61 -20.86 30.79 40.11
N LEU F 62 -22.04 30.57 39.53
CA LEU F 62 -22.25 30.80 38.10
C LEU F 62 -21.89 32.23 37.69
N SER F 63 -21.75 33.10 38.67
CA SER F 63 -21.37 34.49 38.40
C SER F 63 -19.88 34.59 38.07
N THR F 64 -19.15 33.49 38.21
CA THR F 64 -17.73 33.49 37.90
C THR F 64 -17.40 32.72 36.63
N HIS F 65 -18.43 32.20 35.96
CA HIS F 65 -18.27 31.41 34.74
C HIS F 65 -18.46 32.20 33.46
N TRP F 66 -17.66 31.84 32.47
CA TRP F 66 -17.66 32.45 31.15
C TRP F 66 -17.42 31.34 30.13
N GLU F 67 -17.84 31.62 28.90
CA GLU F 67 -17.64 30.70 27.79
C GLU F 67 -16.58 31.38 26.97
N LEU F 68 -15.52 30.66 26.62
CA LEU F 68 -14.47 31.24 25.81
C LEU F 68 -14.81 31.02 24.35
N ILE F 69 -15.00 32.10 23.60
CA ILE F 69 -15.31 32.01 22.18
C ILE F 69 -14.36 32.90 21.40
N ASP F 70 -13.87 32.40 20.26
CA ASP F 70 -12.96 33.19 19.46
C ASP F 70 -13.71 34.20 18.63
N TYR F 71 -13.10 35.34 18.43
CA TYR F 71 -13.72 36.37 17.60
C TYR F 71 -13.19 36.20 16.17
N LYS F 72 -14.11 36.03 15.21
CA LYS F 72 -13.73 35.83 13.81
C LYS F 72 -13.59 37.08 12.96
N GLY F 73 -14.03 38.22 13.48
CA GLY F 73 -13.93 39.47 12.76
C GLY F 73 -12.52 39.94 12.45
N LYS F 74 -12.42 40.84 11.48
CA LYS F 74 -11.16 41.37 11.02
C LYS F 74 -10.93 42.85 11.24
N GLU F 75 -11.79 43.52 11.99
CA GLU F 75 -11.59 44.95 12.18
C GLU F 75 -10.58 45.35 13.26
N TYR F 76 -9.94 44.36 13.89
CA TYR F 76 -8.96 44.62 14.93
C TYR F 76 -7.57 44.09 14.63
N GLU F 77 -7.28 43.87 13.35
CA GLU F 77 -6.00 43.32 12.94
C GLU F 77 -4.72 44.15 13.15
N LYS F 78 -4.82 45.47 12.98
CA LYS F 78 -3.66 46.36 13.10
C LYS F 78 -3.00 46.37 14.48
N LEU F 79 -3.79 46.16 15.52
CA LEU F 79 -3.26 46.15 16.87
C LEU F 79 -3.32 44.79 17.52
N ARG F 80 -3.75 43.75 16.79
CA ARG F 80 -3.81 42.41 17.35
C ARG F 80 -2.51 41.97 18.01
N ASP F 81 -1.38 42.45 17.50
CA ASP F 81 -0.09 42.13 18.11
C ASP F 81 0.20 40.63 18.28
N GLY F 82 -0.22 39.79 17.33
CA GLY F 82 0.04 38.36 17.41
C GLY F 82 -0.82 37.61 18.42
N GLY F 83 -1.76 38.32 19.05
CA GLY F 83 -2.62 37.68 20.03
C GLY F 83 -3.84 37.05 19.39
N THR F 84 -4.64 36.35 20.20
CA THR F 84 -5.85 35.69 19.72
C THR F 84 -7.08 36.46 20.25
N LEU F 85 -7.88 36.99 19.32
CA LEU F 85 -9.07 37.76 19.66
C LEU F 85 -10.15 36.83 20.18
N VAL F 86 -10.74 37.19 21.32
CA VAL F 86 -11.78 36.36 21.92
C VAL F 86 -12.85 37.19 22.60
N GLN F 87 -13.84 36.51 23.12
CA GLN F 87 -14.90 37.16 23.85
C GLN F 87 -15.21 36.21 24.99
N PHE F 88 -15.61 36.77 26.14
CA PHE F 88 -15.99 35.98 27.30
C PHE F 88 -17.50 36.16 27.36
N LYS F 89 -18.21 35.10 26.98
CA LYS F 89 -19.65 35.11 26.91
C LYS F 89 -20.36 34.55 28.15
N VAL F 90 -21.49 35.14 28.53
CA VAL F 90 -22.22 34.64 29.70
C VAL F 90 -22.82 33.30 29.32
N VAL F 91 -22.80 32.36 30.25
CA VAL F 91 -23.37 31.07 29.97
C VAL F 91 -24.88 31.17 29.75
N GLY F 92 -25.33 30.83 28.54
CA GLY F 92 -26.75 30.84 28.24
C GLY F 92 -27.41 32.19 27.99
N ALA F 93 -26.65 33.16 27.50
CA ALA F 93 -27.16 34.49 27.20
C ALA F 93 -26.28 35.15 26.17
N ALA F 94 -26.88 36.05 25.39
CA ALA F 94 -26.18 36.80 24.34
C ALA F 94 -25.40 37.99 24.88
N LYS F 95 -24.90 37.88 26.10
CA LYS F 95 -24.11 38.94 26.72
C LYS F 95 -22.66 38.54 26.96
N CYS F 96 -21.78 39.53 26.87
CA CYS F 96 -20.35 39.32 27.04
C CYS F 96 -19.76 40.25 28.07
N PHE F 97 -18.59 39.89 28.59
CA PHE F 97 -17.92 40.71 29.56
C PHE F 97 -17.47 41.99 28.85
N ALA F 98 -17.52 43.13 29.54
CA ALA F 98 -17.11 44.38 28.94
C ALA F 98 -16.42 45.19 30.01
N PHE F 99 -15.24 45.71 29.72
CA PHE F 99 -14.55 46.56 30.69
C PHE F 99 -15.31 47.75 30.21
N PRO F 100 -15.70 48.75 30.99
CA PRO F 100 -15.75 49.31 32.33
C PRO F 100 -17.05 48.82 32.88
N GLY F 101 -17.24 47.51 32.63
CA GLY F 101 -18.43 46.75 32.97
C GLY F 101 -19.02 46.54 34.37
N GLU F 102 -20.12 47.25 34.62
CA GLU F 102 -20.80 47.04 35.91
C GLU F 102 -21.02 45.59 35.75
N GLY F 103 -21.45 45.27 34.53
CA GLY F 103 -21.67 43.90 34.15
C GLY F 103 -21.39 43.79 32.68
N THR F 104 -22.16 42.90 32.08
CA THR F 104 -22.08 42.56 30.67
C THR F 104 -22.87 43.42 29.70
N THR F 105 -22.48 43.33 28.43
CA THR F 105 -23.15 44.06 27.36
C THR F 105 -23.39 43.14 26.16
N ASP F 106 -24.10 43.65 25.15
CA ASP F 106 -24.41 42.90 23.93
C ASP F 106 -23.15 42.34 23.27
N CYS F 107 -23.18 41.06 22.92
CA CYS F 107 -22.02 40.45 22.27
C CYS F 107 -21.80 41.12 20.92
N LYS F 108 -22.83 41.80 20.44
CA LYS F 108 -22.75 42.46 19.15
C LYS F 108 -21.92 43.72 19.25
N ASP F 109 -21.70 44.19 20.47
CA ASP F 109 -20.92 45.41 20.67
C ASP F 109 -19.47 44.96 20.81
N ILE F 110 -18.86 44.70 19.66
CA ILE F 110 -17.48 44.23 19.59
C ILE F 110 -16.42 45.18 20.15
N ASP F 111 -16.59 46.47 19.90
CA ASP F 111 -15.64 47.47 20.35
C ASP F 111 -15.39 47.40 21.85
N HIS F 112 -16.38 46.92 22.59
CA HIS F 112 -16.25 46.81 24.05
C HIS F 112 -16.18 45.39 24.60
N THR F 113 -16.50 44.39 23.78
CA THR F 113 -16.49 43.01 24.27
C THR F 113 -15.43 42.09 23.66
N VAL F 114 -14.64 42.60 22.72
CA VAL F 114 -13.62 41.77 22.10
C VAL F 114 -12.24 41.99 22.72
N PHE F 115 -11.68 40.91 23.27
CA PHE F 115 -10.38 40.98 23.91
C PHE F 115 -9.30 40.25 23.12
N ASN F 116 -8.05 40.37 23.58
CA ASN F 116 -6.91 39.81 22.88
C ASN F 116 -5.96 39.03 23.79
N LEU F 117 -5.93 37.71 23.64
CA LEU F 117 -5.06 36.85 24.44
C LEU F 117 -3.65 36.86 23.89
N ILE F 118 -2.69 37.22 24.74
CA ILE F 118 -1.26 37.25 24.39
C ILE F 118 -0.56 36.18 25.25
N PRO F 119 0.05 35.16 24.63
CA PRO F 119 0.74 34.07 25.36
C PRO F 119 2.07 34.48 26.01
N THR F 120 2.45 33.78 27.09
CA THR F 120 3.71 34.07 27.80
C THR F 120 4.49 32.79 27.97
N ASN F 121 5.70 32.92 28.50
CA ASN F 121 6.56 31.78 28.74
C ASN F 121 6.17 30.99 30.00
N THR F 122 5.20 31.48 30.76
CA THR F 122 4.80 30.76 31.97
C THR F 122 3.43 30.10 31.93
N GLY F 123 2.61 30.43 30.93
CA GLY F 123 1.27 29.86 30.87
C GLY F 123 0.23 30.89 31.29
N ALA F 124 0.69 32.05 31.75
CA ALA F 124 -0.18 33.14 32.17
C ALA F 124 -0.54 33.86 30.89
N PHE F 125 -1.58 34.69 30.92
CA PHE F 125 -1.91 35.43 29.71
C PHE F 125 -2.01 36.91 29.97
N LEU F 126 -1.61 37.71 29.00
CA LEU F 126 -1.75 39.15 29.08
C LEU F 126 -3.03 39.33 28.29
N ILE F 127 -3.92 40.19 28.75
CA ILE F 127 -5.15 40.40 28.03
C ILE F 127 -5.33 41.85 27.66
N LYS F 128 -5.43 42.09 26.36
CA LYS F 128 -5.60 43.44 25.86
C LYS F 128 -7.00 43.57 25.27
N ASP F 129 -7.44 44.81 25.09
CA ASP F 129 -8.74 45.08 24.49
C ASP F 129 -8.41 45.17 23.00
N ALA F 130 -9.29 44.62 22.17
CA ALA F 130 -9.04 44.61 20.74
C ALA F 130 -8.99 45.99 20.12
N LEU F 131 -9.91 46.85 20.56
CA LEU F 131 -9.99 48.20 20.04
C LEU F 131 -8.76 49.10 20.24
N LEU F 132 -8.34 49.27 21.49
CA LEU F 132 -7.21 50.13 21.81
C LEU F 132 -5.85 49.47 21.89
N GLY F 133 -5.84 48.17 22.16
CA GLY F 133 -4.56 47.50 22.30
C GLY F 133 -3.97 47.82 23.66
N PHE F 134 -4.84 48.15 24.62
CA PHE F 134 -4.44 48.46 25.99
C PHE F 134 -4.47 47.20 26.81
N CYS F 135 -3.69 47.14 27.87
CA CYS F 135 -3.63 45.96 28.70
C CYS F 135 -4.58 46.01 29.87
N MET F 136 -5.29 44.92 30.11
CA MET F 136 -6.17 44.88 31.25
C MET F 136 -5.32 44.45 32.44
N THR F 137 -5.40 45.19 33.54
CA THR F 137 -4.61 44.88 34.72
C THR F 137 -5.40 44.96 36.00
N SER F 138 -4.86 44.38 37.08
CA SER F 138 -5.50 44.40 38.39
C SER F 138 -4.38 44.53 39.40
N HIS F 139 -4.35 45.65 40.09
CA HIS F 139 -3.29 45.90 41.07
C HIS F 139 -3.66 45.58 42.50
N ASP F 140 -4.94 45.29 42.74
CA ASP F 140 -5.39 44.97 44.08
C ASP F 140 -6.83 44.48 44.00
N PHE F 141 -7.35 44.00 45.11
CA PHE F 141 -8.71 43.52 45.14
C PHE F 141 -9.66 44.56 44.56
N ASP F 142 -10.58 44.08 43.73
CA ASP F 142 -11.59 44.90 43.06
C ASP F 142 -11.01 46.02 42.22
N ASP F 143 -9.75 45.90 41.85
CA ASP F 143 -9.11 46.92 41.02
C ASP F 143 -8.92 46.34 39.64
N LEU F 144 -9.58 46.95 38.66
CA LEU F 144 -9.47 46.50 37.29
C LEU F 144 -9.26 47.72 36.43
N ARG F 145 -8.21 47.73 35.60
CA ARG F 145 -7.93 48.87 34.72
C ARG F 145 -7.51 48.46 33.32
N LEU F 146 -7.57 49.43 32.40
CA LEU F 146 -7.16 49.24 31.01
C LEU F 146 -6.17 50.37 30.79
N GLU F 147 -4.89 50.03 30.75
CA GLU F 147 -3.85 51.03 30.59
C GLU F 147 -2.94 50.71 29.42
N PRO F 148 -2.40 51.74 28.76
CA PRO F 148 -1.50 51.54 27.62
C PRO F 148 -0.26 50.73 28.04
N CYS F 149 0.10 49.75 27.22
CA CYS F 149 1.27 48.93 27.52
C CYS F 149 2.27 48.99 26.38
N GLY F 150 2.18 50.04 25.58
CA GLY F 150 3.10 50.20 24.48
C GLY F 150 2.51 49.74 23.17
N ILE F 151 3.30 49.78 22.09
CA ILE F 151 2.82 49.36 20.78
C ILE F 151 2.83 47.84 20.68
N SER F 152 3.77 47.21 21.36
CA SER F 152 3.86 45.76 21.35
C SER F 152 4.39 45.26 22.66
N VAL F 153 3.97 44.06 23.05
CA VAL F 153 4.42 43.47 24.30
C VAL F 153 5.35 42.28 24.06
N SER F 154 5.61 41.94 22.79
CA SER F 154 6.49 40.81 22.46
C SER F 154 7.84 40.92 23.13
N GLY F 155 8.28 39.83 23.73
CA GLY F 155 9.59 39.80 24.36
C GLY F 155 9.72 40.54 25.66
N ARG F 156 8.73 41.36 25.99
CA ARG F 156 8.77 42.12 27.24
C ARG F 156 8.25 41.24 28.36
N THR F 157 8.69 41.51 29.59
CA THR F 157 8.26 40.70 30.73
C THR F 157 7.42 41.56 31.68
N PHE F 158 6.39 40.96 32.26
CA PHE F 158 5.48 41.69 33.12
C PHE F 158 5.22 41.07 34.48
N SER F 159 4.79 41.92 35.42
CA SER F 159 4.50 41.51 36.78
C SER F 159 3.10 40.92 36.85
N LEU F 160 2.77 40.31 37.98
CA LEU F 160 1.49 39.65 38.13
C LEU F 160 0.30 40.52 37.84
N ALA F 161 0.45 41.83 37.99
CA ALA F 161 -0.67 42.75 37.77
C ALA F 161 -1.25 42.62 36.35
N TYR F 162 -0.38 42.32 35.41
CA TYR F 162 -0.77 42.18 34.02
C TYR F 162 -1.14 40.75 33.65
N GLN F 163 -0.93 39.81 34.55
CA GLN F 163 -1.19 38.42 34.21
C GLN F 163 -2.52 37.86 34.62
N TRP F 164 -3.06 37.03 33.74
CA TRP F 164 -4.35 36.41 33.94
C TRP F 164 -4.27 34.91 33.73
N GLY F 165 -5.03 34.17 34.51
CA GLY F 165 -5.04 32.74 34.36
C GLY F 165 -6.40 32.33 33.82
N ILE F 166 -6.42 31.55 32.74
CA ILE F 166 -7.67 31.04 32.16
C ILE F 166 -7.81 29.67 32.79
N LEU F 167 -8.57 29.62 33.89
CA LEU F 167 -8.70 28.40 34.66
C LEU F 167 -10.09 27.75 34.72
N PRO F 168 -10.17 26.56 35.33
CA PRO F 168 -11.46 25.89 35.42
C PRO F 168 -12.52 26.77 36.09
N PRO F 169 -13.80 26.56 35.73
CA PRO F 169 -14.87 27.36 36.34
C PRO F 169 -15.02 27.11 37.82
N PHE F 170 -14.97 28.19 38.59
CA PHE F 170 -15.10 28.13 40.05
C PHE F 170 -16.40 27.49 40.47
N GLY F 171 -16.36 26.58 41.43
CA GLY F 171 -17.60 25.98 41.85
C GLY F 171 -17.39 24.53 42.20
N PRO F 172 -18.45 23.73 42.14
CA PRO F 172 -18.43 22.30 42.43
C PRO F 172 -17.92 21.51 41.23
N SER F 173 -17.55 20.27 41.47
CA SER F 173 -17.07 19.42 40.40
C SER F 173 -17.07 18.03 40.95
N LYS F 174 -17.01 17.05 40.05
CA LYS F 174 -17.04 15.65 40.44
C LYS F 174 -15.82 14.92 39.89
N ILE F 175 -15.23 14.06 40.70
CA ILE F 175 -14.07 13.30 40.27
C ILE F 175 -14.50 12.36 39.16
N LEU F 176 -13.76 12.35 38.06
CA LEU F 176 -14.08 11.44 36.95
C LEU F 176 -13.51 10.06 37.26
N ARG F 177 -14.38 9.06 37.23
CA ARG F 177 -14.03 7.67 37.51
C ARG F 177 -14.11 6.89 36.20
N PRO F 178 -13.09 6.06 35.88
CA PRO F 178 -13.07 5.27 34.65
C PRO F 178 -14.02 4.08 34.65
#